data_2ZC5
#
_entry.id   2ZC5
#
_cell.length_a   185.704
_cell.length_b   50.665
_cell.length_c   110.784
_cell.angle_alpha   90.00
_cell.angle_beta   90.00
_cell.angle_gamma   90.00
#
_symmetry.space_group_name_H-M   'P 21 21 2'
#
loop_
_entity.id
_entity.type
_entity.pdbx_description
1 polymer 'Penicillin-binding protein 1A'
2 polymer 'Penicillin-binding protein 1A'
3 non-polymer 'ZINC ION'
4 non-polymer '(4R,5S)-3-(6,7-dihydro-5H-pyrazolo[1,2-a][1,2,4]triazol-4-ium-6-ylsulfanyl)-5-[(1S,2R)-1-formyl-2-hydroxypropyl]-4-meth yl-4,5-dihydro-1H-pyrrole-2-carboxylate'
5 water water
#
loop_
_entity_poly.entity_id
_entity_poly.type
_entity_poly.pdbx_seq_one_letter_code
_entity_poly.pdbx_strand_id
1 'polypeptide(L)' LVATTSSKIYDNKNQLIADLGSER A,C
2 'polypeptide(L)'
;SASNYPAYMDNYLKEVINQVEEETGYNLLTTGMDVYTNVDQEAQKHLWDIYNTDEYVAYPDDELQVASTIVDVSNGKVIA
QLGARHQSSNVSFGINQAVETNRDWGSTMKPITDYAPALEYGVYDSTATIVHDEPYNYPGTNTPVYNWDRGYFGNITLQY
ALQQSRNVPAVETLNKVGLNRAKTFLNGLGIDYPSIHYSNAISSNTTESDKKYGASSEKMAAAYAAFANGGTYYKPMYIH
KVVFSDGSEKEFSNVGTRAMKETTAYMMTDMMKTVLSYGTGQNAYLAWLPQAGKTGTSNYTDEEIENHIKTSQFVAPDEL
FAGYTRKYSMAVWTGYSNRLTPLVGNGLTVAAKVYRSMMTYLSEGSNPEDWNIPEGLYRNGEFVFKNGAR
;
B,D
#
# COMPACT_ATOMS: atom_id res chain seq x y z
N THR A 5 13.93 -11.18 -5.86
CA THR A 5 12.67 -11.99 -5.97
C THR A 5 12.93 -13.32 -6.68
N SER A 6 12.98 -13.29 -8.02
CA SER A 6 13.24 -14.49 -8.82
C SER A 6 14.33 -14.28 -9.86
N SER A 7 15.42 -15.03 -9.72
CA SER A 7 16.59 -14.94 -10.60
C SER A 7 16.80 -16.24 -11.38
N LYS A 8 17.30 -16.12 -12.60
CA LYS A 8 17.47 -17.29 -13.48
C LYS A 8 18.93 -17.49 -13.93
N ILE A 9 19.40 -18.73 -13.79
CA ILE A 9 20.79 -19.08 -14.10
C ILE A 9 20.88 -19.97 -15.33
N TYR A 10 21.74 -19.57 -16.26
CA TYR A 10 21.92 -20.25 -17.54
C TYR A 10 23.36 -20.70 -17.74
N ASP A 11 23.55 -21.94 -18.18
CA ASP A 11 24.87 -22.50 -18.43
C ASP A 11 25.56 -21.88 -19.66
N ASN A 12 26.71 -22.43 -20.06
CA ASN A 12 27.51 -21.90 -21.17
C ASN A 12 26.79 -21.92 -22.52
N LYS A 13 25.79 -22.78 -22.64
CA LYS A 13 25.01 -22.91 -23.86
C LYS A 13 23.79 -21.98 -23.84
N ASN A 14 23.54 -21.34 -22.70
CA ASN A 14 22.42 -20.40 -22.50
C ASN A 14 21.10 -21.04 -22.07
N GLN A 15 21.12 -22.33 -21.76
CA GLN A 15 19.92 -23.04 -21.31
C GLN A 15 19.75 -23.01 -19.79
N LEU A 16 18.55 -22.64 -19.35
CA LEU A 16 18.20 -22.51 -17.93
C LEU A 16 18.60 -23.76 -17.15
N ILE A 17 19.19 -23.56 -15.98
CA ILE A 17 19.54 -24.67 -15.11
C ILE A 17 19.10 -24.47 -13.64
N ALA A 18 18.95 -23.20 -13.24
CA ALA A 18 18.57 -22.90 -11.86
C ALA A 18 17.70 -21.65 -11.73
N ASP A 19 16.74 -21.70 -10.80
CA ASP A 19 15.94 -20.53 -10.43
C ASP A 19 16.10 -20.21 -8.94
N LEU A 20 16.52 -18.97 -8.66
CA LEU A 20 16.83 -18.54 -7.30
C LEU A 20 16.14 -17.22 -6.97
N ASN B 4 14.79 -23.27 -6.42
CA ASN B 4 15.28 -24.67 -6.51
C ASN B 4 16.30 -24.87 -7.63
N TYR B 5 17.18 -25.86 -7.45
CA TYR B 5 18.32 -26.11 -8.37
C TYR B 5 18.87 -27.55 -8.25
N PRO B 6 19.63 -28.01 -9.28
CA PRO B 6 20.17 -29.38 -9.29
C PRO B 6 21.17 -29.70 -8.18
N ALA B 7 21.34 -30.99 -7.89
CA ALA B 7 22.27 -31.46 -6.87
C ALA B 7 23.70 -31.00 -7.13
N TYR B 8 24.22 -31.35 -8.31
CA TYR B 8 25.62 -31.11 -8.69
C TYR B 8 26.08 -29.64 -8.77
N MET B 9 25.15 -28.74 -9.09
CA MET B 9 25.46 -27.32 -9.34
C MET B 9 25.79 -26.48 -8.10
N ASP B 10 25.57 -27.05 -6.91
CA ASP B 10 25.62 -26.29 -5.65
C ASP B 10 26.86 -25.44 -5.50
N ASN B 11 28.03 -26.05 -5.68
CA ASN B 11 29.32 -25.36 -5.57
C ASN B 11 29.45 -24.19 -6.53
N TYR B 12 29.09 -24.42 -7.80
CA TYR B 12 29.25 -23.42 -8.85
C TYR B 12 28.38 -22.18 -8.63
N LEU B 13 27.12 -22.40 -8.29
CA LEU B 13 26.18 -21.31 -8.02
C LEU B 13 26.69 -20.43 -6.87
N LYS B 14 27.20 -21.06 -5.82
CA LYS B 14 27.73 -20.34 -4.67
C LYS B 14 28.75 -19.28 -5.10
N GLU B 15 29.64 -19.67 -6.01
CA GLU B 15 30.64 -18.74 -6.56
C GLU B 15 30.03 -17.72 -7.51
N VAL B 16 29.02 -18.15 -8.26
CA VAL B 16 28.26 -17.26 -9.14
C VAL B 16 27.67 -16.10 -8.33
N ILE B 17 26.97 -16.45 -7.25
CA ILE B 17 26.38 -15.46 -6.34
C ILE B 17 27.44 -14.53 -5.78
N ASN B 18 28.58 -15.11 -5.38
CA ASN B 18 29.69 -14.35 -4.85
C ASN B 18 30.27 -13.38 -5.88
N GLN B 19 30.37 -13.83 -7.13
CA GLN B 19 30.96 -12.99 -8.19
C GLN B 19 30.02 -11.89 -8.65
N VAL B 20 28.73 -12.20 -8.73
CA VAL B 20 27.72 -11.24 -9.15
C VAL B 20 27.75 -9.99 -8.25
N GLU B 21 27.67 -10.20 -6.93
CA GLU B 21 27.64 -9.06 -6.01
C GLU B 21 29.02 -8.44 -5.72
N GLU B 22 30.08 -9.05 -6.23
CA GLU B 22 31.39 -8.44 -6.18
C GLU B 22 31.55 -7.41 -7.27
N GLU B 23 30.99 -7.71 -8.46
CA GLU B 23 31.09 -6.83 -9.63
C GLU B 23 29.91 -5.87 -9.78
N THR B 24 28.74 -6.26 -9.29
CA THR B 24 27.53 -5.42 -9.40
C THR B 24 27.04 -4.91 -8.05
N GLY B 25 27.39 -5.61 -6.98
CA GLY B 25 26.96 -5.23 -5.65
C GLY B 25 25.52 -5.59 -5.37
N TYR B 26 25.04 -6.66 -5.99
CA TYR B 26 23.68 -7.15 -5.76
C TYR B 26 23.67 -8.64 -5.45
N ASN B 27 23.22 -8.98 -4.25
CA ASN B 27 22.95 -10.38 -3.89
C ASN B 27 21.83 -10.88 -4.79
N LEU B 28 22.14 -11.83 -5.68
CA LEU B 28 21.21 -12.24 -6.72
C LEU B 28 19.98 -12.97 -6.18
N LEU B 29 19.96 -13.18 -4.86
CA LEU B 29 18.82 -13.80 -4.19
C LEU B 29 17.81 -12.74 -3.71
N THR B 30 18.29 -11.52 -3.50
CA THR B 30 17.47 -10.40 -3.03
C THR B 30 17.05 -9.47 -4.19
N THR B 31 17.50 -9.79 -5.39
CA THR B 31 17.19 -8.99 -6.58
C THR B 31 16.96 -9.89 -7.79
N GLY B 32 15.86 -9.64 -8.50
CA GLY B 32 15.52 -10.41 -9.68
C GLY B 32 16.38 -10.05 -10.89
N MET B 33 17.22 -10.99 -11.30
CA MET B 33 18.08 -10.82 -12.49
C MET B 33 18.43 -12.15 -13.13
N ASP B 34 18.42 -12.19 -14.46
CA ASP B 34 18.85 -13.37 -15.20
C ASP B 34 20.37 -13.32 -15.42
N VAL B 35 21.08 -14.38 -15.01
CA VAL B 35 22.54 -14.40 -15.02
C VAL B 35 23.05 -15.56 -15.88
N TYR B 36 24.03 -15.26 -16.74
CA TYR B 36 24.58 -16.22 -17.69
C TYR B 36 25.99 -16.68 -17.30
N THR B 37 26.16 -17.99 -17.13
CA THR B 37 27.40 -18.53 -16.56
C THR B 37 28.25 -19.31 -17.54
N ASN B 38 29.45 -19.68 -17.10
CA ASN B 38 30.42 -20.39 -17.92
C ASN B 38 30.47 -21.90 -17.65
N VAL B 39 29.47 -22.43 -16.96
CA VAL B 39 29.47 -23.84 -16.58
C VAL B 39 29.09 -24.76 -17.75
N ASP B 40 29.98 -25.68 -18.10
CA ASP B 40 29.72 -26.67 -19.14
C ASP B 40 28.97 -27.83 -18.50
N GLN B 41 27.64 -27.83 -18.68
CA GLN B 41 26.74 -28.75 -17.98
C GLN B 41 27.13 -30.22 -18.13
N GLU B 42 27.46 -30.61 -19.35
CA GLU B 42 27.87 -32.00 -19.62
C GLU B 42 29.16 -32.35 -18.87
N ALA B 43 30.14 -31.45 -18.97
CA ALA B 43 31.41 -31.59 -18.26
C ALA B 43 31.21 -31.64 -16.75
N GLN B 44 30.27 -30.83 -16.26
CA GLN B 44 29.99 -30.72 -14.85
C GLN B 44 29.34 -31.98 -14.31
N LYS B 45 28.33 -32.49 -15.04
CA LYS B 45 27.71 -33.76 -14.70
C LYS B 45 28.71 -34.90 -14.72
N HIS B 46 29.65 -34.83 -15.66
CA HIS B 46 30.73 -35.82 -15.77
C HIS B 46 31.65 -35.74 -14.57
N LEU B 47 31.95 -34.51 -14.14
CA LEU B 47 32.74 -34.28 -12.94
C LEU B 47 32.06 -34.95 -11.76
N TRP B 48 30.78 -34.61 -11.54
CA TRP B 48 29.99 -35.20 -10.47
C TRP B 48 29.97 -36.73 -10.53
N ASP B 49 30.04 -37.27 -11.75
CA ASP B 49 30.03 -38.71 -11.95
C ASP B 49 31.34 -39.39 -11.53
N ILE B 50 32.46 -38.68 -11.71
CA ILE B 50 33.77 -39.20 -11.32
C ILE B 50 33.91 -39.27 -9.81
N TYR B 51 33.30 -38.31 -9.13
CA TYR B 51 33.33 -38.24 -7.67
C TYR B 51 32.46 -39.31 -7.02
N ASN B 52 31.23 -39.45 -7.49
CA ASN B 52 30.20 -40.19 -6.76
C ASN B 52 29.73 -41.52 -7.39
N THR B 53 30.59 -42.17 -8.17
CA THR B 53 30.24 -43.50 -8.69
C THR B 53 31.34 -44.51 -8.44
N ASP B 54 31.21 -45.65 -9.11
CA ASP B 54 32.24 -46.67 -9.18
C ASP B 54 32.73 -46.78 -10.64
N GLU B 55 32.28 -45.86 -11.49
CA GLU B 55 32.55 -45.92 -12.93
C GLU B 55 33.99 -45.60 -13.34
N TYR B 56 34.52 -44.49 -12.81
CA TYR B 56 35.75 -43.89 -13.33
C TYR B 56 36.96 -44.01 -12.40
N VAL B 57 36.73 -43.94 -11.08
CA VAL B 57 37.83 -43.97 -10.10
C VAL B 57 37.51 -44.91 -8.93
N ALA B 58 38.49 -45.75 -8.56
CA ALA B 58 38.33 -46.65 -7.43
C ALA B 58 38.77 -45.99 -6.13
N TYR B 59 37.78 -45.67 -5.29
CA TYR B 59 38.03 -45.01 -4.01
C TYR B 59 38.21 -46.04 -2.89
N PRO B 60 39.01 -45.71 -1.86
CA PRO B 60 39.13 -46.64 -0.74
C PRO B 60 37.94 -46.60 0.23
N ASP B 61 37.25 -45.47 0.31
CA ASP B 61 36.16 -45.29 1.26
C ASP B 61 35.27 -44.10 0.90
N ASP B 62 34.10 -44.03 1.54
CA ASP B 62 33.06 -43.06 1.19
C ASP B 62 33.26 -41.63 1.71
N GLU B 63 34.27 -41.44 2.55
CA GLU B 63 34.55 -40.11 3.13
C GLU B 63 35.85 -39.44 2.65
N LEU B 64 36.54 -40.06 1.69
CA LEU B 64 37.71 -39.41 1.05
C LEU B 64 37.25 -38.31 0.13
N GLN B 65 37.73 -37.10 0.36
CA GLN B 65 37.31 -35.95 -0.41
C GLN B 65 38.16 -35.68 -1.64
N VAL B 66 37.52 -35.12 -2.65
CA VAL B 66 38.19 -34.63 -3.84
C VAL B 66 37.67 -33.20 -4.05
N ALA B 67 38.52 -32.30 -4.52
CA ALA B 67 38.11 -30.95 -4.84
C ALA B 67 38.94 -30.40 -6.00
N SER B 68 38.27 -29.91 -7.04
CA SER B 68 38.95 -29.47 -8.24
C SER B 68 38.22 -28.37 -9.00
N THR B 69 38.97 -27.69 -9.88
CA THR B 69 38.44 -26.63 -10.72
C THR B 69 39.02 -26.75 -12.12
N ILE B 70 38.15 -26.73 -13.13
CA ILE B 70 38.62 -26.81 -14.51
C ILE B 70 38.43 -25.49 -15.28
N VAL B 71 39.51 -25.00 -15.85
CA VAL B 71 39.53 -23.69 -16.52
C VAL B 71 39.77 -23.80 -18.03
N ASP B 72 39.12 -22.92 -18.78
CA ASP B 72 39.44 -22.72 -20.19
C ASP B 72 40.66 -21.82 -20.28
N VAL B 73 41.78 -22.43 -20.66
CA VAL B 73 43.09 -21.78 -20.74
C VAL B 73 43.12 -20.48 -21.57
N SER B 74 42.25 -20.38 -22.57
CA SER B 74 42.26 -19.24 -23.49
C SER B 74 41.56 -17.97 -22.98
N ASN B 75 40.59 -18.13 -22.08
CA ASN B 75 39.84 -16.98 -21.55
C ASN B 75 39.77 -16.89 -20.03
N GLY B 76 40.14 -17.98 -19.36
CA GLY B 76 40.11 -18.04 -17.89
C GLY B 76 38.74 -18.35 -17.31
N LYS B 77 37.88 -18.96 -18.13
CA LYS B 77 36.52 -19.32 -17.72
C LYS B 77 36.53 -20.66 -17.01
N VAL B 78 36.12 -20.66 -15.74
CA VAL B 78 35.91 -21.89 -15.00
C VAL B 78 34.71 -22.60 -15.62
N ILE B 79 34.91 -23.84 -16.05
CA ILE B 79 33.85 -24.59 -16.71
C ILE B 79 33.25 -25.69 -15.83
N ALA B 80 34.02 -26.13 -14.83
CA ALA B 80 33.54 -27.11 -13.86
C ALA B 80 34.26 -26.95 -12.52
N GLN B 81 33.51 -27.17 -11.43
CA GLN B 81 34.02 -27.02 -10.07
C GLN B 81 33.23 -27.91 -9.12
N LEU B 82 33.92 -28.58 -8.20
CA LEU B 82 33.27 -29.47 -7.26
C LEU B 82 34.16 -29.71 -6.03
N GLY B 83 33.75 -29.15 -4.89
CA GLY B 83 34.58 -29.18 -3.69
C GLY B 83 34.30 -30.30 -2.71
N ALA B 84 33.33 -31.15 -3.03
CA ALA B 84 32.88 -32.18 -2.10
C ALA B 84 32.27 -33.39 -2.81
N ARG B 85 32.42 -34.57 -2.20
CA ARG B 85 31.78 -35.77 -2.72
C ARG B 85 30.98 -36.52 -1.65
N HIS B 86 29.75 -36.91 -1.99
CA HIS B 86 28.80 -37.56 -1.07
C HIS B 86 28.38 -36.66 0.10
N GLN B 87 27.31 -35.91 -0.11
CA GLN B 87 26.85 -34.88 0.83
C GLN B 87 25.47 -35.16 1.43
N SER B 88 25.41 -36.14 2.32
CA SER B 88 24.15 -36.56 2.97
C SER B 88 23.61 -35.55 4.01
N SER B 89 24.03 -34.29 3.89
CA SER B 89 23.43 -33.19 4.66
C SER B 89 23.26 -31.93 3.78
N ASN B 90 22.21 -31.95 2.96
CA ASN B 90 21.96 -30.91 1.97
C ASN B 90 21.45 -29.61 2.57
N VAL B 91 22.40 -28.79 3.03
CA VAL B 91 22.13 -27.40 3.41
C VAL B 91 22.66 -26.51 2.27
N SER B 92 21.81 -25.59 1.80
CA SER B 92 22.10 -24.76 0.62
C SER B 92 23.41 -23.99 0.69
N PHE B 93 24.20 -24.10 -0.39
CA PHE B 93 25.45 -23.34 -0.56
C PHE B 93 26.46 -23.53 0.56
N GLY B 94 26.88 -24.79 0.77
CA GLY B 94 27.83 -25.15 1.82
C GLY B 94 29.23 -24.62 1.61
N ILE B 95 30.17 -25.04 2.47
CA ILE B 95 31.56 -24.61 2.36
C ILE B 95 32.19 -25.21 1.11
N ASN B 96 32.33 -24.36 0.09
CA ASN B 96 32.96 -24.75 -1.17
C ASN B 96 34.48 -24.90 -0.98
N GLN B 97 34.90 -26.14 -0.71
CA GLN B 97 36.31 -26.47 -0.46
C GLN B 97 37.20 -26.21 -1.68
N ALA B 98 36.57 -26.19 -2.86
CA ALA B 98 37.28 -25.96 -4.12
C ALA B 98 37.86 -24.55 -4.26
N VAL B 99 37.35 -23.60 -3.48
CA VAL B 99 37.93 -22.25 -3.47
C VAL B 99 38.59 -21.90 -2.14
N GLU B 100 38.36 -22.76 -1.13
CA GLU B 100 38.99 -22.59 0.17
C GLU B 100 40.48 -22.91 0.09
N THR B 101 41.29 -22.20 0.86
CA THR B 101 42.73 -22.31 0.76
C THR B 101 43.39 -22.94 2.00
N ASN B 102 42.58 -23.47 2.90
CA ASN B 102 43.09 -23.93 4.21
C ASN B 102 43.83 -25.27 4.19
N ARG B 103 44.17 -25.74 2.99
CA ARG B 103 44.93 -26.97 2.85
C ARG B 103 46.22 -26.76 2.06
N ASP B 104 47.26 -27.47 2.48
CA ASP B 104 48.61 -27.32 1.92
C ASP B 104 48.74 -27.95 0.52
N TRP B 105 49.12 -27.13 -0.46
CA TRP B 105 49.34 -27.63 -1.82
C TRP B 105 50.77 -28.13 -2.09
N GLY B 106 51.58 -28.15 -1.04
CA GLY B 106 52.93 -28.71 -1.10
C GLY B 106 53.74 -28.46 -2.35
N SER B 107 54.14 -29.56 -3.00
CA SER B 107 55.09 -29.51 -4.11
C SER B 107 54.56 -28.80 -5.36
N THR B 108 53.24 -28.81 -5.56
CA THR B 108 52.64 -28.17 -6.73
C THR B 108 52.90 -26.66 -6.74
N MET B 109 53.35 -26.14 -5.60
CA MET B 109 53.77 -24.75 -5.51
C MET B 109 55.17 -24.53 -6.12
N LYS B 110 55.97 -25.60 -6.21
CA LYS B 110 57.34 -25.53 -6.76
C LYS B 110 57.41 -24.87 -8.14
N PRO B 111 56.63 -25.38 -9.12
CA PRO B 111 56.68 -24.82 -10.46
C PRO B 111 56.45 -23.31 -10.53
N ILE B 112 55.44 -22.81 -9.81
CA ILE B 112 55.03 -21.40 -9.88
C ILE B 112 55.78 -20.47 -8.92
N THR B 113 56.39 -21.03 -7.89
CA THR B 113 57.08 -20.25 -6.86
C THR B 113 58.61 -20.28 -7.03
N ASP B 114 59.13 -21.32 -7.65
CA ASP B 114 60.58 -21.54 -7.69
C ASP B 114 61.18 -21.50 -9.09
N TYR B 115 60.87 -22.51 -9.90
CA TYR B 115 61.59 -22.74 -11.15
C TYR B 115 61.22 -21.79 -12.30
N ALA B 116 59.93 -21.51 -12.44
CA ALA B 116 59.46 -20.54 -13.43
C ALA B 116 60.03 -19.15 -13.20
N PRO B 117 59.91 -18.60 -11.96
CA PRO B 117 60.54 -17.31 -11.72
C PRO B 117 62.06 -17.36 -11.93
N ALA B 118 62.69 -18.43 -11.45
CA ALA B 118 64.13 -18.66 -11.65
C ALA B 118 64.50 -18.51 -13.13
N LEU B 119 63.75 -19.20 -13.98
CA LEU B 119 63.96 -19.10 -15.43
C LEU B 119 63.59 -17.70 -15.92
N GLU B 120 62.42 -17.21 -15.50
CA GLU B 120 61.91 -15.91 -15.91
C GLU B 120 62.92 -14.79 -15.74
N TYR B 121 63.47 -14.66 -14.53
CA TYR B 121 64.44 -13.63 -14.22
C TYR B 121 65.87 -14.09 -14.52
N GLY B 122 65.97 -15.14 -15.33
CA GLY B 122 67.24 -15.61 -15.86
C GLY B 122 68.26 -15.95 -14.79
N VAL B 123 67.83 -16.72 -13.80
CA VAL B 123 68.76 -17.28 -12.82
C VAL B 123 69.28 -18.61 -13.39
N TYR B 124 68.46 -19.26 -14.21
CA TYR B 124 68.87 -20.42 -14.97
C TYR B 124 68.72 -20.19 -16.48
N ASP B 125 69.53 -20.90 -17.27
CA ASP B 125 69.56 -20.75 -18.74
C ASP B 125 68.91 -21.88 -19.54
N SER B 126 68.76 -23.05 -18.92
CA SER B 126 68.25 -24.22 -19.62
C SER B 126 67.61 -25.22 -18.70
N THR B 127 66.69 -26.02 -19.24
CA THR B 127 66.10 -27.17 -18.54
C THR B 127 67.17 -28.19 -18.15
N ALA B 128 68.41 -27.94 -18.57
CA ALA B 128 69.54 -28.83 -18.34
C ALA B 128 70.56 -28.29 -17.32
N THR B 129 70.35 -27.06 -16.86
CA THR B 129 71.20 -26.45 -15.84
C THR B 129 71.32 -27.41 -14.67
N ILE B 130 72.55 -27.67 -14.24
CA ILE B 130 72.80 -28.57 -13.12
C ILE B 130 72.52 -27.88 -11.78
N VAL B 131 71.53 -28.40 -11.06
CA VAL B 131 71.13 -27.87 -9.76
C VAL B 131 71.49 -28.86 -8.65
N HIS B 132 71.47 -28.39 -7.40
CA HIS B 132 72.03 -29.15 -6.28
C HIS B 132 71.01 -29.75 -5.30
N ASP B 133 71.03 -31.07 -5.19
CA ASP B 133 70.30 -31.80 -4.15
C ASP B 133 71.30 -32.43 -3.19
N GLU B 134 71.86 -31.59 -2.32
CA GLU B 134 72.80 -32.05 -1.29
C GLU B 134 72.24 -31.66 0.08
N PRO B 135 72.79 -32.23 1.17
CA PRO B 135 72.44 -31.68 2.49
C PRO B 135 72.41 -30.14 2.47
N TYR B 136 71.31 -29.56 2.94
CA TYR B 136 71.06 -28.12 2.82
C TYR B 136 70.15 -27.62 3.92
N ASN B 137 70.36 -26.37 4.32
CA ASN B 137 69.59 -25.73 5.39
C ASN B 137 68.76 -24.54 4.97
N TYR B 138 67.57 -24.40 5.54
CA TYR B 138 66.74 -23.23 5.30
C TYR B 138 67.58 -22.01 5.65
N PRO B 139 67.72 -21.08 4.69
CA PRO B 139 68.62 -19.95 4.88
C PRO B 139 68.25 -19.13 6.11
N GLY B 140 69.26 -18.82 6.93
CA GLY B 140 69.08 -18.08 8.18
C GLY B 140 68.91 -18.96 9.41
N THR B 141 68.79 -20.28 9.19
CA THR B 141 68.51 -21.22 10.29
C THR B 141 69.23 -22.56 10.18
N ASN B 142 69.36 -23.22 11.33
CA ASN B 142 69.97 -24.55 11.40
C ASN B 142 68.97 -25.68 11.21
N THR B 143 67.86 -25.40 10.54
CA THR B 143 66.85 -26.41 10.24
C THR B 143 67.14 -27.04 8.89
N PRO B 144 67.17 -28.37 8.83
CA PRO B 144 67.48 -29.04 7.58
C PRO B 144 66.29 -29.12 6.65
N VAL B 145 66.55 -29.09 5.35
CA VAL B 145 65.52 -29.34 4.35
C VAL B 145 65.63 -30.82 4.00
N TYR B 146 64.67 -31.62 4.47
CA TYR B 146 64.70 -33.06 4.17
C TYR B 146 64.00 -33.37 2.85
N ASN B 147 64.37 -34.48 2.22
CA ASN B 147 63.58 -35.01 1.13
C ASN B 147 62.69 -36.12 1.66
N TRP B 148 61.63 -36.45 0.93
CA TRP B 148 60.69 -37.51 1.35
C TRP B 148 61.41 -38.80 1.71
N ASP B 149 62.46 -39.13 0.95
CA ASP B 149 63.23 -40.35 1.16
C ASP B 149 64.41 -40.14 2.08
N ARG B 150 64.56 -38.91 2.57
CA ARG B 150 65.64 -38.53 3.47
C ARG B 150 67.02 -38.57 2.81
N GLY B 151 67.07 -38.92 1.53
CA GLY B 151 68.32 -39.01 0.78
C GLY B 151 68.64 -37.74 0.01
N TYR B 152 69.74 -37.78 -0.75
CA TYR B 152 70.18 -36.62 -1.56
C TYR B 152 70.73 -37.08 -2.90
N PHE B 153 70.07 -36.69 -3.98
CA PHE B 153 70.40 -37.17 -5.32
C PHE B 153 71.71 -36.59 -5.88
N GLY B 154 72.28 -35.62 -5.19
CA GLY B 154 73.51 -34.96 -5.64
C GLY B 154 73.30 -34.05 -6.83
N ASN B 155 74.28 -34.01 -7.71
CA ASN B 155 74.20 -33.19 -8.91
C ASN B 155 73.22 -33.75 -9.94
N ILE B 156 72.15 -32.99 -10.18
CA ILE B 156 71.11 -33.36 -11.14
C ILE B 156 70.65 -32.15 -11.94
N THR B 157 70.06 -32.41 -13.11
CA THR B 157 69.53 -31.32 -13.92
C THR B 157 68.26 -30.75 -13.31
N LEU B 158 67.99 -29.49 -13.62
CA LEU B 158 66.75 -28.83 -13.24
C LEU B 158 65.54 -29.71 -13.55
N GLN B 159 65.48 -30.25 -14.78
CA GLN B 159 64.36 -31.08 -15.22
C GLN B 159 64.11 -32.26 -14.28
N TYR B 160 65.15 -33.07 -14.10
CA TYR B 160 65.09 -34.23 -13.21
C TYR B 160 64.75 -33.85 -11.77
N ALA B 161 65.18 -32.64 -11.39
CA ALA B 161 64.90 -32.08 -10.07
C ALA B 161 63.42 -31.86 -9.85
N LEU B 162 62.75 -31.36 -10.88
CA LEU B 162 61.33 -31.11 -10.82
C LEU B 162 60.57 -32.42 -10.88
N GLN B 163 61.16 -33.38 -11.59
CA GLN B 163 60.50 -34.65 -11.91
C GLN B 163 60.40 -35.57 -10.70
N GLN B 164 61.53 -35.82 -10.05
CA GLN B 164 61.59 -36.64 -8.84
C GLN B 164 61.13 -35.83 -7.64
N SER B 165 61.01 -34.52 -7.83
CA SER B 165 60.50 -33.57 -6.82
C SER B 165 61.34 -33.54 -5.55
N ARG B 166 62.55 -33.01 -5.68
CA ARG B 166 63.46 -32.89 -4.56
C ARG B 166 63.33 -31.53 -3.89
N ASN B 167 63.28 -31.53 -2.56
CA ASN B 167 63.03 -30.31 -1.81
C ASN B 167 64.23 -29.39 -1.71
N VAL B 168 65.43 -29.96 -1.67
CA VAL B 168 66.64 -29.15 -1.55
C VAL B 168 66.84 -28.18 -2.74
N PRO B 169 66.89 -28.72 -3.97
CA PRO B 169 67.04 -27.80 -5.10
C PRO B 169 65.87 -26.83 -5.22
N ALA B 170 64.69 -27.23 -4.78
CA ALA B 170 63.50 -26.36 -4.79
C ALA B 170 63.71 -25.12 -3.90
N VAL B 171 63.95 -25.36 -2.62
CA VAL B 171 64.15 -24.30 -1.65
C VAL B 171 65.30 -23.37 -2.07
N GLU B 172 66.47 -23.94 -2.33
CA GLU B 172 67.65 -23.16 -2.70
C GLU B 172 67.38 -22.25 -3.90
N THR B 173 66.56 -22.73 -4.83
CA THR B 173 66.19 -21.98 -6.03
C THR B 173 65.32 -20.77 -5.67
N LEU B 174 64.52 -20.90 -4.61
CA LEU B 174 63.79 -19.73 -4.09
C LEU B 174 64.76 -18.67 -3.58
N ASN B 175 65.84 -19.14 -2.94
CA ASN B 175 66.85 -18.26 -2.38
C ASN B 175 67.60 -17.48 -3.45
N LYS B 176 67.81 -18.12 -4.61
CA LYS B 176 68.53 -17.51 -5.74
C LYS B 176 67.65 -16.55 -6.57
N VAL B 177 66.34 -16.80 -6.60
CA VAL B 177 65.36 -15.89 -7.21
C VAL B 177 65.23 -14.62 -6.36
N GLY B 178 65.17 -14.80 -5.04
CA GLY B 178 64.91 -13.70 -4.12
C GLY B 178 63.43 -13.73 -3.72
N LEU B 179 63.15 -13.42 -2.45
CA LEU B 179 61.79 -13.53 -1.93
C LEU B 179 60.82 -12.48 -2.49
N ASN B 180 61.34 -11.29 -2.79
CA ASN B 180 60.52 -10.25 -3.43
C ASN B 180 60.05 -10.64 -4.81
N ARG B 181 61.00 -10.92 -5.70
CA ARG B 181 60.73 -11.36 -7.07
C ARG B 181 59.66 -12.46 -7.12
N ALA B 182 59.75 -13.39 -6.18
CA ALA B 182 58.85 -14.53 -6.11
C ALA B 182 57.43 -14.12 -5.69
N LYS B 183 57.34 -13.24 -4.69
CA LYS B 183 56.03 -12.73 -4.26
C LYS B 183 55.35 -12.04 -5.43
N THR B 184 56.12 -11.25 -6.18
CA THR B 184 55.63 -10.57 -7.37
C THR B 184 55.14 -11.56 -8.44
N PHE B 185 55.91 -12.60 -8.71
CA PHE B 185 55.55 -13.58 -9.72
C PHE B 185 54.25 -14.32 -9.37
N LEU B 186 54.10 -14.68 -8.09
CA LEU B 186 52.88 -15.35 -7.64
C LEU B 186 51.66 -14.45 -7.76
N ASN B 187 51.84 -13.15 -7.49
CA ASN B 187 50.75 -12.18 -7.63
C ASN B 187 50.23 -12.13 -9.04
N GLY B 188 51.15 -12.19 -10.01
CA GLY B 188 50.83 -12.14 -11.42
C GLY B 188 50.12 -13.41 -11.86
N LEU B 189 50.15 -14.42 -11.01
CA LEU B 189 49.45 -15.67 -11.22
C LEU B 189 48.25 -15.79 -10.28
N GLY B 190 47.89 -14.67 -9.65
CA GLY B 190 46.69 -14.58 -8.82
C GLY B 190 46.79 -15.14 -7.42
N ILE B 191 48.02 -15.41 -6.97
CA ILE B 191 48.26 -16.00 -5.65
C ILE B 191 49.09 -15.06 -4.80
N ASP B 192 48.82 -15.03 -3.50
CA ASP B 192 49.56 -14.16 -2.59
C ASP B 192 49.66 -14.73 -1.16
N TYR B 193 50.62 -14.22 -0.39
CA TYR B 193 50.67 -14.46 1.04
C TYR B 193 50.76 -13.11 1.73
N PRO B 194 50.30 -13.04 3.00
CA PRO B 194 50.56 -11.81 3.76
C PRO B 194 52.07 -11.66 3.90
N SER B 195 52.76 -12.75 4.17
CA SER B 195 54.20 -12.77 4.31
C SER B 195 54.76 -14.06 3.69
N ILE B 196 55.71 -13.93 2.74
CA ILE B 196 56.32 -15.10 2.09
C ILE B 196 57.62 -15.57 2.78
N HIS B 197 57.73 -16.87 3.02
CA HIS B 197 58.88 -17.44 3.73
C HIS B 197 59.46 -18.60 2.97
N TYR B 198 60.72 -18.93 3.27
CA TYR B 198 61.44 -20.03 2.59
C TYR B 198 60.68 -21.36 2.64
N SER B 199 59.92 -21.59 3.70
CA SER B 199 59.04 -22.74 3.81
C SER B 199 58.11 -22.84 2.62
N ASN B 200 57.77 -21.69 2.03
CA ASN B 200 56.79 -21.59 0.94
C ASN B 200 57.26 -22.14 -0.40
N ALA B 201 58.57 -22.36 -0.53
CA ALA B 201 59.13 -22.98 -1.71
C ALA B 201 58.67 -24.43 -1.87
N ILE B 202 58.12 -25.01 -0.81
CA ILE B 202 57.57 -26.37 -0.86
C ILE B 202 56.20 -26.50 -0.18
N SER B 203 55.50 -25.37 -0.01
CA SER B 203 54.25 -25.34 0.74
C SER B 203 53.41 -24.09 0.48
N SER B 204 52.11 -24.28 0.28
CA SER B 204 51.15 -23.16 0.15
C SER B 204 50.62 -22.76 1.52
N ASN B 205 51.30 -23.23 2.56
CA ASN B 205 50.92 -22.93 3.93
C ASN B 205 51.11 -21.46 4.24
N THR B 206 50.01 -20.81 4.63
CA THR B 206 49.97 -19.37 4.89
C THR B 206 49.55 -19.10 6.34
N THR B 207 49.56 -17.82 6.73
CA THR B 207 49.20 -17.43 8.11
C THR B 207 47.75 -16.97 8.25
N GLU B 208 47.16 -16.48 7.15
CA GLU B 208 45.80 -15.94 7.18
C GLU B 208 44.71 -16.91 6.70
N SER B 209 44.64 -17.08 5.37
CA SER B 209 43.53 -17.76 4.68
C SER B 209 42.16 -17.15 4.99
N ASP B 210 42.17 -15.93 5.54
CA ASP B 210 40.96 -15.14 5.74
C ASP B 210 40.33 -14.79 4.40
N LYS B 211 41.15 -14.69 3.36
CA LYS B 211 40.69 -14.37 2.00
C LYS B 211 41.40 -15.15 0.89
N LYS B 212 42.26 -14.44 0.16
CA LYS B 212 42.88 -14.96 -1.06
C LYS B 212 44.21 -15.66 -0.80
N TYR B 213 44.67 -15.62 0.44
CA TYR B 213 45.99 -16.12 0.78
C TYR B 213 46.08 -17.63 0.71
N GLY B 214 47.24 -18.12 0.26
CA GLY B 214 47.45 -19.54 0.09
C GLY B 214 47.03 -19.99 -1.30
N ALA B 215 46.74 -21.29 -1.42
CA ALA B 215 46.35 -21.86 -2.69
C ALA B 215 45.10 -22.75 -2.58
N SER B 216 44.18 -22.51 -3.52
CA SER B 216 42.99 -23.33 -3.69
C SER B 216 43.02 -23.84 -5.12
N SER B 217 42.26 -24.91 -5.38
CA SER B 217 42.16 -25.48 -6.73
C SER B 217 41.72 -24.45 -7.76
N GLU B 218 41.01 -23.42 -7.31
CA GLU B 218 40.64 -22.29 -8.15
C GLU B 218 41.90 -21.56 -8.63
N LYS B 219 42.72 -21.10 -7.69
CA LYS B 219 43.88 -20.27 -8.00
C LYS B 219 45.02 -21.05 -8.67
N MET B 220 45.08 -22.36 -8.45
CA MET B 220 46.07 -23.22 -9.10
C MET B 220 45.72 -23.47 -10.56
N ALA B 221 44.45 -23.77 -10.82
CA ALA B 221 43.96 -23.94 -12.18
C ALA B 221 44.22 -22.66 -12.97
N ALA B 222 43.94 -21.52 -12.36
CA ALA B 222 44.15 -20.22 -12.99
C ALA B 222 45.63 -19.94 -13.28
N ALA B 223 46.52 -20.45 -12.41
CA ALA B 223 47.96 -20.26 -12.57
C ALA B 223 48.56 -21.18 -13.63
N TYR B 224 48.17 -22.44 -13.61
CA TYR B 224 48.67 -23.43 -14.57
C TYR B 224 48.16 -23.18 -15.99
N ALA B 225 47.03 -22.47 -16.11
CA ALA B 225 46.50 -22.06 -17.41
C ALA B 225 47.45 -21.10 -18.10
N ALA B 226 48.19 -20.30 -17.32
CA ALA B 226 49.21 -19.40 -17.85
C ALA B 226 50.37 -20.17 -18.46
N PHE B 227 50.75 -21.30 -17.85
CA PHE B 227 51.77 -22.17 -18.43
C PHE B 227 51.32 -22.69 -19.78
N ALA B 228 50.04 -23.05 -19.88
CA ALA B 228 49.47 -23.68 -21.07
C ALA B 228 49.36 -22.74 -22.26
N ASN B 229 48.95 -21.49 -22.02
CA ASN B 229 48.70 -20.54 -23.11
C ASN B 229 49.90 -19.67 -23.55
N GLY B 230 51.05 -19.87 -22.92
CA GLY B 230 52.25 -19.10 -23.27
C GLY B 230 52.54 -17.93 -22.36
N GLY B 231 51.93 -17.94 -21.16
CA GLY B 231 52.28 -16.99 -20.11
C GLY B 231 51.27 -15.91 -19.80
N THR B 232 49.97 -16.23 -19.94
CA THR B 232 48.93 -15.23 -19.75
C THR B 232 47.90 -15.65 -18.71
N TYR B 233 47.88 -14.92 -17.58
CA TYR B 233 46.93 -15.16 -16.50
C TYR B 233 45.59 -14.48 -16.71
N TYR B 234 44.51 -15.25 -16.59
CA TYR B 234 43.17 -14.67 -16.56
C TYR B 234 42.53 -14.91 -15.21
N LYS B 235 41.90 -13.88 -14.66
CA LYS B 235 41.14 -14.02 -13.42
C LYS B 235 40.03 -15.04 -13.65
N PRO B 236 39.90 -16.04 -12.75
CA PRO B 236 38.84 -17.04 -12.87
C PRO B 236 37.50 -16.36 -13.06
N MET B 237 36.72 -16.82 -14.03
CA MET B 237 35.40 -16.25 -14.30
C MET B 237 34.33 -17.35 -14.27
N TYR B 238 33.17 -16.97 -13.72
CA TYR B 238 32.03 -17.86 -13.59
C TYR B 238 30.83 -17.28 -14.32
N ILE B 239 30.80 -15.94 -14.44
CA ILE B 239 29.69 -15.24 -15.07
C ILE B 239 30.08 -14.57 -16.38
N HIS B 240 29.19 -14.64 -17.36
CA HIS B 240 29.43 -14.10 -18.69
C HIS B 240 28.68 -12.78 -18.90
N LYS B 241 27.42 -12.76 -18.48
CA LYS B 241 26.54 -11.63 -18.72
C LYS B 241 25.45 -11.57 -17.64
N VAL B 242 25.06 -10.35 -17.27
CA VAL B 242 23.92 -10.16 -16.40
C VAL B 242 22.86 -9.25 -17.05
N VAL B 243 21.62 -9.67 -16.95
CA VAL B 243 20.48 -8.82 -17.31
C VAL B 243 19.60 -8.53 -16.08
N PHE B 244 19.51 -7.25 -15.73
CA PHE B 244 18.74 -6.77 -14.59
C PHE B 244 17.26 -6.68 -14.96
N SER B 245 16.40 -6.70 -13.95
CA SER B 245 14.95 -6.56 -14.15
C SER B 245 14.64 -5.33 -15.01
N ASP B 246 15.37 -4.24 -14.77
CA ASP B 246 15.21 -2.99 -15.51
C ASP B 246 15.79 -3.06 -16.93
N GLY B 247 15.91 -4.27 -17.47
CA GLY B 247 16.28 -4.47 -18.87
C GLY B 247 17.74 -4.26 -19.24
N SER B 248 18.46 -3.49 -18.42
CA SER B 248 19.89 -3.21 -18.66
C SER B 248 20.72 -4.48 -18.75
N GLU B 249 21.87 -4.41 -19.42
CA GLU B 249 22.78 -5.55 -19.46
C GLU B 249 24.26 -5.19 -19.35
N LYS B 250 24.96 -5.96 -18.49
CA LYS B 250 26.39 -5.83 -18.32
C LYS B 250 27.06 -7.13 -18.76
N GLU B 251 27.88 -7.05 -19.80
CA GLU B 251 28.67 -8.18 -20.26
C GLU B 251 30.05 -8.12 -19.63
N PHE B 252 30.61 -9.29 -19.32
CA PHE B 252 31.92 -9.37 -18.66
C PHE B 252 32.98 -9.92 -19.60
N SER B 253 33.79 -9.03 -20.14
CA SER B 253 34.93 -9.43 -20.96
C SER B 253 36.15 -9.71 -20.05
N ASN B 254 36.71 -10.90 -20.22
CA ASN B 254 37.83 -11.37 -19.39
C ASN B 254 39.19 -11.10 -20.04
N VAL B 255 39.88 -10.08 -19.54
CA VAL B 255 41.16 -9.61 -20.10
C VAL B 255 42.37 -10.23 -19.40
N GLY B 256 43.45 -10.42 -20.14
CA GLY B 256 44.65 -11.08 -19.64
C GLY B 256 45.80 -10.19 -19.21
N THR B 257 46.73 -10.80 -18.49
CA THR B 257 47.96 -10.12 -18.07
C THR B 257 49.16 -11.04 -18.31
N ARG B 258 50.26 -10.44 -18.74
CA ARG B 258 51.52 -11.14 -18.94
C ARG B 258 52.08 -11.61 -17.59
N ALA B 259 52.03 -12.92 -17.37
CA ALA B 259 52.53 -13.52 -16.14
C ALA B 259 53.99 -13.94 -16.28
N MET B 260 54.38 -14.33 -17.50
CA MET B 260 55.74 -14.78 -17.79
C MET B 260 55.99 -14.82 -19.30
N LYS B 261 57.27 -14.78 -19.68
CA LYS B 261 57.70 -14.89 -21.09
C LYS B 261 57.25 -16.22 -21.70
N GLU B 262 56.97 -16.20 -22.99
CA GLU B 262 56.51 -17.39 -23.70
C GLU B 262 57.53 -18.53 -23.62
N THR B 263 58.81 -18.16 -23.64
CA THR B 263 59.91 -19.14 -23.53
C THR B 263 59.92 -19.83 -22.17
N THR B 264 59.63 -19.06 -21.11
CA THR B 264 59.51 -19.60 -19.76
C THR B 264 58.37 -20.59 -19.68
N ALA B 265 57.20 -20.15 -20.14
CA ALA B 265 56.01 -20.99 -20.15
C ALA B 265 56.28 -22.30 -20.88
N TYR B 266 57.02 -22.22 -21.98
CA TYR B 266 57.38 -23.41 -22.76
C TYR B 266 58.34 -24.36 -22.02
N MET B 267 59.44 -23.80 -21.49
CA MET B 267 60.44 -24.56 -20.74
C MET B 267 59.84 -25.30 -19.54
N MET B 268 58.97 -24.60 -18.81
CA MET B 268 58.22 -25.21 -17.71
C MET B 268 57.36 -26.38 -18.18
N THR B 269 56.59 -26.16 -19.24
CA THR B 269 55.75 -27.21 -19.84
C THR B 269 56.60 -28.44 -20.15
N ASP B 270 57.71 -28.22 -20.85
CA ASP B 270 58.59 -29.29 -21.31
C ASP B 270 59.10 -30.17 -20.16
N MET B 271 59.59 -29.55 -19.10
CA MET B 271 60.01 -30.30 -17.91
C MET B 271 58.83 -31.05 -17.30
N MET B 272 57.72 -30.34 -17.11
CA MET B 272 56.55 -30.92 -16.48
C MET B 272 56.00 -32.11 -17.23
N LYS B 273 56.16 -32.12 -18.54
CA LYS B 273 55.87 -33.30 -19.35
C LYS B 273 56.49 -34.56 -18.74
N THR B 274 57.75 -34.44 -18.31
CA THR B 274 58.50 -35.59 -17.77
C THR B 274 57.98 -36.07 -16.42
N VAL B 275 57.29 -35.19 -15.70
CA VAL B 275 56.67 -35.57 -14.43
C VAL B 275 55.69 -36.72 -14.65
N LEU B 276 54.80 -36.57 -15.63
CA LEU B 276 53.83 -37.60 -15.98
C LEU B 276 54.48 -38.86 -16.52
N SER B 277 55.42 -38.69 -17.44
CA SER B 277 56.03 -39.82 -18.15
C SER B 277 56.95 -40.65 -17.26
N TYR B 278 58.06 -40.06 -16.82
CA TYR B 278 59.12 -40.80 -16.13
C TYR B 278 59.04 -40.79 -14.60
N GLY B 279 58.31 -39.83 -14.03
CA GLY B 279 58.34 -39.65 -12.59
C GLY B 279 57.05 -39.99 -11.87
N THR B 280 56.52 -38.99 -11.18
CA THR B 280 55.49 -39.15 -10.16
C THR B 280 54.08 -39.42 -10.70
N GLY B 281 53.54 -38.46 -11.44
CA GLY B 281 52.15 -38.51 -11.91
C GLY B 281 51.89 -39.40 -13.12
N GLN B 282 52.48 -40.59 -13.11
CA GLN B 282 52.29 -41.57 -14.18
C GLN B 282 50.87 -42.11 -14.19
N ASN B 283 50.20 -41.99 -13.05
CA ASN B 283 48.79 -42.35 -12.92
C ASN B 283 47.89 -41.33 -13.62
N ALA B 284 48.49 -40.32 -14.25
CA ALA B 284 47.75 -39.32 -15.02
C ALA B 284 48.22 -39.27 -16.49
N TYR B 285 49.14 -40.17 -16.83
CA TYR B 285 49.73 -40.24 -18.17
C TYR B 285 48.74 -40.69 -19.23
N LEU B 286 48.62 -39.89 -20.30
CA LEU B 286 47.87 -40.30 -21.49
C LEU B 286 48.74 -40.20 -22.73
N ALA B 287 48.97 -41.36 -23.35
CA ALA B 287 49.87 -41.49 -24.51
C ALA B 287 49.49 -40.61 -25.69
N TRP B 288 48.20 -40.33 -25.81
CA TRP B 288 47.63 -39.61 -26.95
C TRP B 288 47.35 -38.11 -26.72
N LEU B 289 47.70 -37.61 -25.53
CA LEU B 289 47.35 -36.24 -25.15
C LEU B 289 48.54 -35.42 -24.63
N PRO B 290 48.89 -34.33 -25.35
CA PRO B 290 49.96 -33.41 -24.93
C PRO B 290 49.54 -32.63 -23.68
N GLN B 291 50.08 -33.05 -22.55
CA GLN B 291 49.73 -32.47 -21.24
C GLN B 291 50.96 -32.41 -20.32
N ALA B 292 50.88 -31.57 -19.29
CA ALA B 292 51.96 -31.41 -18.32
C ALA B 292 51.41 -31.12 -16.93
N GLY B 293 52.10 -31.58 -15.90
CA GLY B 293 51.65 -31.36 -14.54
C GLY B 293 52.68 -31.57 -13.45
N LYS B 294 52.27 -31.31 -12.22
CA LYS B 294 53.09 -31.56 -11.05
C LYS B 294 52.24 -32.20 -9.95
N THR B 295 52.82 -33.19 -9.28
CA THR B 295 52.16 -33.86 -8.17
C THR B 295 52.50 -33.19 -6.85
N GLY B 296 51.72 -33.49 -5.82
CA GLY B 296 51.91 -32.92 -4.50
C GLY B 296 51.48 -33.87 -3.42
N THR B 297 52.34 -34.01 -2.41
CA THR B 297 52.05 -34.83 -1.24
C THR B 297 52.53 -34.07 -0.01
N SER B 298 51.66 -33.28 0.59
CA SER B 298 51.99 -32.54 1.80
C SER B 298 52.30 -33.48 2.98
N ASN B 299 52.80 -32.91 4.09
CA ASN B 299 53.11 -33.73 5.27
C ASN B 299 52.56 -33.16 6.57
N TYR B 300 52.69 -33.93 7.64
CA TYR B 300 52.24 -33.51 8.96
C TYR B 300 53.32 -32.74 9.72
N THR B 301 52.88 -31.93 10.69
CA THR B 301 53.79 -31.17 11.54
C THR B 301 54.47 -32.07 12.56
N ASP B 302 55.56 -31.58 13.15
CA ASP B 302 56.27 -32.31 14.19
C ASP B 302 55.33 -32.73 15.34
N GLU B 303 54.52 -31.76 15.83
CA GLU B 303 53.52 -32.03 16.86
C GLU B 303 52.66 -33.20 16.41
N GLU B 304 52.06 -33.05 15.23
CA GLU B 304 51.17 -34.04 14.64
C GLU B 304 51.81 -35.42 14.57
N ILE B 305 53.04 -35.49 14.04
CA ILE B 305 53.73 -36.78 13.83
C ILE B 305 53.76 -37.63 15.10
N GLU B 306 54.09 -37.00 16.23
CA GLU B 306 54.21 -37.72 17.50
C GLU B 306 52.89 -38.06 18.16
N ASN B 307 51.98 -37.09 18.24
CA ASN B 307 50.78 -37.20 19.07
C ASN B 307 49.53 -37.79 18.41
N HIS B 308 49.37 -37.58 17.12
CA HIS B 308 48.11 -37.94 16.47
C HIS B 308 48.29 -38.97 15.36
N ILE B 309 49.42 -38.90 14.65
CA ILE B 309 49.69 -39.85 13.58
C ILE B 309 50.52 -41.03 14.07
N LYS B 310 49.92 -42.21 13.98
CA LYS B 310 50.51 -43.43 14.54
C LYS B 310 50.67 -44.48 13.45
N THR B 311 51.79 -44.43 12.74
CA THR B 311 52.07 -45.42 11.69
C THR B 311 53.53 -45.41 11.20
N SER B 312 53.91 -46.53 10.57
CA SER B 312 55.24 -46.68 9.99
C SER B 312 55.22 -46.40 8.48
N GLN B 313 54.01 -46.29 7.93
CA GLN B 313 53.77 -46.21 6.48
C GLN B 313 53.98 -44.80 5.92
N PHE B 314 53.92 -44.71 4.59
CA PHE B 314 53.92 -43.43 3.89
C PHE B 314 52.50 -42.88 3.93
N VAL B 315 52.32 -41.79 4.66
CA VAL B 315 51.01 -41.18 4.88
C VAL B 315 51.02 -39.69 4.57
N ALA B 316 49.84 -39.11 4.30
CA ALA B 316 49.73 -37.68 4.00
C ALA B 316 48.36 -37.10 4.33
N PRO B 317 48.32 -35.82 4.72
CA PRO B 317 47.00 -35.19 4.92
C PRO B 317 46.37 -34.73 3.61
N ASP B 318 47.20 -34.43 2.61
CA ASP B 318 46.73 -33.93 1.32
C ASP B 318 47.53 -34.55 0.17
N GLU B 319 46.83 -34.96 -0.90
CA GLU B 319 47.49 -35.36 -2.15
C GLU B 319 46.95 -34.49 -3.27
N LEU B 320 47.84 -34.01 -4.13
CA LEU B 320 47.49 -32.98 -5.11
C LEU B 320 48.01 -33.28 -6.51
N PHE B 321 47.24 -32.82 -7.50
CA PHE B 321 47.73 -32.84 -8.86
C PHE B 321 47.33 -31.55 -9.54
N ALA B 322 48.21 -31.04 -10.41
CA ALA B 322 47.93 -29.82 -11.14
C ALA B 322 48.41 -29.92 -12.58
N GLY B 323 47.52 -30.37 -13.46
CA GLY B 323 47.89 -30.53 -14.87
C GLY B 323 47.16 -29.61 -15.81
N TYR B 324 47.70 -29.48 -17.02
CA TYR B 324 47.06 -28.71 -18.08
C TYR B 324 47.29 -29.34 -19.46
N THR B 325 46.34 -29.15 -20.36
CA THR B 325 46.51 -29.54 -21.75
C THR B 325 46.61 -28.28 -22.58
N ARG B 326 46.62 -28.44 -23.90
CA ARG B 326 46.61 -27.33 -24.83
C ARG B 326 45.41 -26.40 -24.63
N LYS B 327 44.30 -26.95 -24.13
CA LYS B 327 43.05 -26.22 -24.02
C LYS B 327 42.57 -25.99 -22.57
N TYR B 328 42.68 -27.00 -21.72
CA TYR B 328 42.10 -26.93 -20.38
C TYR B 328 43.10 -27.09 -19.25
N SER B 329 42.90 -26.30 -18.20
CA SER B 329 43.71 -26.40 -16.98
C SER B 329 42.86 -26.97 -15.85
N MET B 330 43.39 -27.96 -15.13
CA MET B 330 42.69 -28.58 -14.02
C MET B 330 43.59 -28.88 -12.82
N ALA B 331 43.16 -28.46 -11.63
CA ALA B 331 43.90 -28.71 -10.39
C ALA B 331 43.09 -29.51 -9.37
N VAL B 332 43.65 -30.64 -8.92
CA VAL B 332 42.99 -31.58 -8.01
C VAL B 332 43.58 -31.53 -6.62
N TRP B 333 42.70 -31.45 -5.62
CA TRP B 333 43.06 -31.67 -4.22
C TRP B 333 42.33 -32.91 -3.72
N THR B 334 43.00 -33.72 -2.90
CA THR B 334 42.35 -34.84 -2.23
C THR B 334 42.73 -34.91 -0.74
N GLY B 335 41.84 -35.48 0.06
CA GLY B 335 42.08 -35.67 1.50
C GLY B 335 40.83 -35.98 2.29
N TYR B 336 40.93 -35.85 3.62
CA TYR B 336 39.78 -36.03 4.51
C TYR B 336 39.46 -34.72 5.24
N SER B 337 38.17 -34.43 5.41
CA SER B 337 37.72 -33.22 6.09
C SER B 337 38.55 -32.94 7.32
N ASN B 338 38.64 -33.92 8.20
CA ASN B 338 39.55 -33.86 9.34
C ASN B 338 40.94 -34.32 8.87
N ARG B 339 41.86 -33.36 8.83
CA ARG B 339 43.20 -33.59 8.30
C ARG B 339 43.91 -34.74 9.01
N LEU B 340 43.57 -34.94 10.29
CA LEU B 340 44.20 -35.95 11.16
C LEU B 340 43.89 -37.39 10.75
N THR B 341 43.02 -37.54 9.74
CA THR B 341 42.80 -38.81 9.05
C THR B 341 43.78 -38.84 7.87
N PRO B 342 44.79 -39.74 7.92
CA PRO B 342 45.85 -39.77 6.90
C PRO B 342 45.43 -40.47 5.61
N LEU B 343 46.10 -40.13 4.51
CA LEU B 343 45.92 -40.82 3.23
C LEU B 343 46.90 -41.98 3.14
N VAL B 344 46.39 -43.16 2.84
CA VAL B 344 47.22 -44.37 2.79
C VAL B 344 47.25 -45.03 1.41
N GLY B 345 48.42 -45.57 1.07
CA GLY B 345 48.64 -46.43 -0.09
C GLY B 345 47.93 -46.05 -1.37
N ASN B 346 46.73 -46.59 -1.55
CA ASN B 346 45.95 -46.38 -2.76
C ASN B 346 45.27 -45.02 -2.78
N GLY B 347 44.92 -44.52 -1.59
CA GLY B 347 44.32 -43.19 -1.45
C GLY B 347 45.09 -42.09 -2.16
N LEU B 348 46.41 -42.26 -2.23
CA LEU B 348 47.32 -41.28 -2.82
C LEU B 348 47.20 -41.16 -4.35
N THR B 349 46.70 -42.20 -5.01
CA THR B 349 46.59 -42.20 -6.48
C THR B 349 45.35 -41.43 -6.98
N VAL B 350 44.39 -41.25 -6.09
CA VAL B 350 43.09 -40.66 -6.43
C VAL B 350 43.22 -39.33 -7.17
N ALA B 351 44.01 -38.39 -6.61
CA ALA B 351 44.23 -37.09 -7.25
C ALA B 351 44.59 -37.22 -8.73
N ALA B 352 45.62 -38.01 -9.04
CA ALA B 352 46.08 -38.20 -10.42
C ALA B 352 45.04 -38.91 -11.30
N LYS B 353 44.44 -39.96 -10.75
CA LYS B 353 43.38 -40.72 -11.44
C LYS B 353 42.16 -39.85 -11.78
N VAL B 354 41.77 -38.98 -10.84
CA VAL B 354 40.65 -38.06 -11.05
C VAL B 354 40.93 -37.17 -12.27
N TYR B 355 42.13 -36.58 -12.29
CA TYR B 355 42.56 -35.73 -13.39
C TYR B 355 42.52 -36.48 -14.75
N ARG B 356 43.16 -37.65 -14.80
CA ARG B 356 43.16 -38.48 -16.02
C ARG B 356 41.72 -38.65 -16.53
N SER B 357 40.86 -39.13 -15.64
CA SER B 357 39.46 -39.37 -15.96
C SER B 357 38.78 -38.16 -16.59
N MET B 358 38.86 -37.01 -15.91
CA MET B 358 38.23 -35.75 -16.39
C MET B 358 38.93 -35.17 -17.62
N MET B 359 40.23 -35.40 -17.73
CA MET B 359 40.97 -34.89 -18.88
C MET B 359 40.72 -35.77 -20.10
N THR B 360 40.51 -37.07 -19.85
CA THR B 360 40.12 -38.01 -20.89
C THR B 360 38.89 -37.47 -21.62
N TYR B 361 37.86 -37.14 -20.84
CA TYR B 361 36.56 -36.71 -21.36
C TYR B 361 36.64 -35.47 -22.26
N LEU B 362 37.30 -34.42 -21.78
CA LEU B 362 37.34 -33.13 -22.47
C LEU B 362 38.19 -33.12 -23.74
N SER B 363 39.11 -34.08 -23.88
CA SER B 363 40.10 -34.06 -24.95
C SER B 363 39.78 -34.97 -26.14
N GLU B 364 39.20 -36.13 -25.88
CA GLU B 364 38.88 -37.11 -26.91
C GLU B 364 37.95 -36.52 -27.95
N GLY B 365 38.36 -36.58 -29.21
CA GLY B 365 37.58 -36.04 -30.31
C GLY B 365 38.34 -34.97 -31.07
N SER B 366 38.65 -33.86 -30.38
CA SER B 366 39.45 -32.79 -30.98
C SER B 366 40.89 -33.23 -31.00
N ASN B 367 41.60 -32.89 -32.08
CA ASN B 367 43.00 -33.30 -32.19
C ASN B 367 43.83 -32.65 -31.06
N PRO B 368 44.47 -33.48 -30.23
CA PRO B 368 45.35 -32.96 -29.18
C PRO B 368 46.63 -32.37 -29.78
N GLU B 369 46.72 -31.03 -29.77
CA GLU B 369 47.87 -30.30 -30.32
C GLU B 369 48.98 -30.14 -29.29
N ASP B 370 50.22 -30.31 -29.73
CA ASP B 370 51.37 -30.11 -28.85
C ASP B 370 51.86 -28.67 -28.85
N TRP B 371 52.85 -28.36 -28.02
CA TRP B 371 53.38 -27.01 -27.88
C TRP B 371 54.56 -26.73 -28.81
N ASN B 372 54.43 -25.68 -29.59
CA ASN B 372 55.46 -25.27 -30.56
C ASN B 372 56.61 -24.56 -29.86
N ILE B 373 57.83 -25.03 -30.13
CA ILE B 373 59.05 -24.45 -29.56
C ILE B 373 59.32 -23.05 -30.14
N PRO B 374 59.15 -22.00 -29.32
CA PRO B 374 59.12 -20.62 -29.81
C PRO B 374 60.48 -19.91 -29.87
N GLU B 375 60.53 -18.83 -30.66
CA GLU B 375 61.75 -18.04 -30.90
C GLU B 375 62.60 -17.81 -29.65
N GLY B 376 63.88 -18.17 -29.73
CA GLY B 376 64.82 -17.97 -28.63
C GLY B 376 65.16 -19.24 -27.86
N LEU B 377 64.58 -20.35 -28.26
CA LEU B 377 64.87 -21.63 -27.65
C LEU B 377 65.19 -22.67 -28.71
N TYR B 378 66.09 -23.58 -28.39
CA TYR B 378 66.44 -24.68 -29.30
C TYR B 378 66.48 -26.02 -28.58
N ARG B 379 66.41 -27.11 -29.35
CA ARG B 379 66.32 -28.45 -28.80
C ARG B 379 67.69 -29.15 -28.76
N ASN B 380 67.91 -29.97 -27.73
CA ASN B 380 69.21 -30.61 -27.50
C ASN B 380 69.09 -31.76 -26.52
N GLY B 381 69.52 -32.95 -26.93
CA GLY B 381 69.42 -34.15 -26.08
C GLY B 381 68.04 -34.30 -25.51
N GLU B 382 67.94 -34.39 -24.19
CA GLU B 382 66.65 -34.44 -23.51
C GLU B 382 66.09 -33.06 -23.13
N PHE B 383 66.84 -32.00 -23.41
CA PHE B 383 66.58 -30.68 -22.80
C PHE B 383 66.45 -29.51 -23.79
N VAL B 384 65.99 -28.37 -23.26
CA VAL B 384 65.86 -27.14 -24.05
C VAL B 384 66.82 -26.06 -23.51
N PHE B 385 67.40 -25.28 -24.43
CA PHE B 385 68.34 -24.22 -24.07
C PHE B 385 67.86 -22.87 -24.62
N LYS B 386 68.37 -21.79 -24.05
CA LYS B 386 68.06 -20.42 -24.49
C LYS B 386 69.00 -19.94 -25.62
N ASN B 387 69.10 -18.62 -25.77
CA ASN B 387 70.02 -17.99 -26.73
C ASN B 387 70.97 -17.01 -26.04
N THR C 5 -79.83 37.77 11.75
CA THR C 5 -79.64 36.44 12.43
C THR C 5 -79.32 35.29 11.44
N SER C 6 -79.81 35.39 10.20
CA SER C 6 -79.63 34.31 9.21
C SER C 6 -78.71 34.66 8.03
N SER C 7 -77.45 34.24 8.14
CA SER C 7 -76.41 34.52 7.15
C SER C 7 -75.97 33.26 6.43
N LYS C 8 -75.72 33.39 5.12
CA LYS C 8 -75.29 32.24 4.30
C LYS C 8 -73.79 32.26 4.02
N ILE C 9 -73.15 31.10 4.09
CA ILE C 9 -71.70 30.98 3.86
C ILE C 9 -71.36 29.97 2.75
N TYR C 10 -70.48 30.38 1.86
CA TYR C 10 -70.17 29.64 0.63
C TYR C 10 -68.69 29.28 0.50
N ASP C 11 -68.40 28.18 -0.18
CA ASP C 11 -67.00 27.75 -0.38
C ASP C 11 -66.40 28.29 -1.70
N ASN C 12 -65.15 27.93 -1.97
CA ASN C 12 -64.41 28.49 -3.10
C ASN C 12 -64.93 28.10 -4.49
N LYS C 13 -65.85 27.13 -4.52
CA LYS C 13 -66.55 26.74 -5.74
C LYS C 13 -68.03 27.18 -5.65
N ASN C 14 -68.27 28.12 -4.73
CA ASN C 14 -69.58 28.76 -4.52
C ASN C 14 -70.78 27.88 -4.13
N GLN C 15 -70.47 26.71 -3.57
CA GLN C 15 -71.45 25.84 -2.93
C GLN C 15 -71.82 26.42 -1.57
N LEU C 16 -73.06 26.18 -1.13
CA LEU C 16 -73.48 26.55 0.22
C LEU C 16 -72.85 25.60 1.23
N ILE C 17 -72.33 26.14 2.32
CA ILE C 17 -71.62 25.34 3.31
C ILE C 17 -72.21 25.43 4.72
N ALA C 18 -72.85 26.56 5.02
CA ALA C 18 -73.39 26.82 6.36
C ALA C 18 -74.44 27.93 6.38
N ASP C 19 -75.45 27.75 7.25
CA ASP C 19 -76.47 28.79 7.51
C ASP C 19 -76.43 29.17 8.99
N LEU C 20 -75.83 30.33 9.27
CA LEU C 20 -75.56 30.74 10.63
C LEU C 20 -76.40 31.95 11.01
N ASN D 4 -77.35 22.80 11.10
CA ASN D 4 -76.93 24.21 11.17
C ASN D 4 -75.69 24.45 10.29
N TYR D 5 -74.58 23.81 10.66
CA TYR D 5 -73.34 23.77 9.88
C TYR D 5 -72.59 22.48 10.22
N PRO D 6 -71.85 21.92 9.25
CA PRO D 6 -71.17 20.64 9.49
C PRO D 6 -69.98 20.74 10.44
N ALA D 7 -69.59 19.59 11.01
CA ALA D 7 -68.55 19.48 12.04
C ALA D 7 -67.14 19.85 11.54
N TYR D 8 -66.81 19.40 10.33
CA TYR D 8 -65.48 19.61 9.76
C TYR D 8 -65.16 21.07 9.44
N MET D 9 -66.12 21.97 9.70
CA MET D 9 -65.97 23.37 9.33
C MET D 9 -65.83 24.34 10.51
N ASP D 10 -66.00 23.85 11.75
CA ASP D 10 -66.04 24.71 12.93
C ASP D 10 -64.83 25.62 13.06
N ASN D 11 -63.64 25.04 12.91
CA ASN D 11 -62.38 25.79 12.97
C ASN D 11 -62.31 26.87 11.89
N TYR D 12 -62.45 26.46 10.63
CA TYR D 12 -62.38 27.38 9.50
C TYR D 12 -63.41 28.50 9.65
N LEU D 13 -64.65 28.12 9.91
CA LEU D 13 -65.75 29.07 10.05
C LEU D 13 -65.50 30.12 11.12
N LYS D 14 -64.82 29.73 12.20
CA LYS D 14 -64.52 30.67 13.28
C LYS D 14 -63.66 31.81 12.77
N GLU D 15 -62.68 31.46 11.95
CA GLU D 15 -61.75 32.43 11.39
C GLU D 15 -62.45 33.35 10.39
N VAL D 16 -63.38 32.76 9.63
CA VAL D 16 -64.23 33.50 8.72
C VAL D 16 -64.97 34.62 9.46
N ILE D 17 -65.66 34.26 10.54
CA ILE D 17 -66.41 35.22 11.37
C ILE D 17 -65.52 36.35 11.87
N ASN D 18 -64.30 36.00 12.29
CA ASN D 18 -63.31 36.96 12.74
C ASN D 18 -62.87 37.92 11.65
N GLN D 19 -62.52 37.38 10.47
CA GLN D 19 -62.05 38.18 9.35
C GLN D 19 -63.12 39.13 8.82
N VAL D 20 -64.37 38.66 8.77
CA VAL D 20 -65.49 39.51 8.38
C VAL D 20 -65.62 40.65 9.39
N GLU D 21 -65.55 40.32 10.68
CA GLU D 21 -65.55 41.31 11.76
C GLU D 21 -64.40 42.30 11.62
N GLU D 22 -63.20 41.77 11.41
CA GLU D 22 -61.98 42.56 11.42
C GLU D 22 -61.89 43.54 10.26
N GLU D 23 -62.58 43.22 9.16
CA GLU D 23 -62.53 44.07 7.97
C GLU D 23 -63.77 44.97 7.80
N THR D 24 -64.96 44.38 7.98
CA THR D 24 -66.23 45.11 7.77
C THR D 24 -66.81 45.77 9.03
N GLY D 25 -66.50 45.21 10.20
CA GLY D 25 -67.04 45.73 11.47
C GLY D 25 -68.32 45.06 11.94
N TYR D 26 -68.95 44.29 11.04
CA TYR D 26 -70.15 43.53 11.37
C TYR D 26 -69.78 42.11 11.76
N ASN D 27 -70.35 41.64 12.86
CA ASN D 27 -70.30 40.23 13.20
C ASN D 27 -71.38 39.51 12.39
N LEU D 28 -70.97 38.53 11.58
CA LEU D 28 -71.88 37.85 10.67
C LEU D 28 -72.98 37.02 11.36
N LEU D 29 -72.91 36.91 12.68
CA LEU D 29 -73.86 36.10 13.45
C LEU D 29 -75.12 36.88 13.83
N THR D 30 -74.97 38.18 14.03
CA THR D 30 -76.11 39.03 14.37
C THR D 30 -76.41 40.04 13.25
N THR D 31 -75.77 39.85 12.11
CA THR D 31 -76.07 40.65 10.91
C THR D 31 -76.12 39.75 9.69
N GLY D 32 -77.30 39.65 9.08
CA GLY D 32 -77.51 38.83 7.89
C GLY D 32 -76.74 39.31 6.66
N MET D 33 -75.91 38.43 6.10
CA MET D 33 -75.12 38.71 4.90
C MET D 33 -74.61 37.43 4.27
N ASP D 34 -74.26 37.49 2.98
CA ASP D 34 -73.69 36.33 2.29
C ASP D 34 -72.15 36.43 2.25
N VAL D 35 -71.49 35.37 2.69
CA VAL D 35 -70.03 35.38 2.82
C VAL D 35 -69.40 34.32 1.92
N TYR D 36 -68.52 34.77 1.03
CA TYR D 36 -67.90 33.90 0.06
C TYR D 36 -66.45 33.60 0.43
N THR D 37 -66.24 32.38 0.92
CA THR D 37 -64.97 31.99 1.53
C THR D 37 -63.97 31.40 0.54
N ASN D 38 -62.78 31.07 1.04
CA ASN D 38 -61.71 30.54 0.23
C ASN D 38 -61.57 29.03 0.36
N VAL D 39 -62.32 28.44 1.30
CA VAL D 39 -62.18 27.00 1.61
C VAL D 39 -62.52 26.06 0.43
N ASP D 40 -61.63 25.09 0.21
CA ASP D 40 -61.92 23.95 -0.63
C ASP D 40 -62.58 22.89 0.25
N GLN D 41 -63.87 22.68 0.04
CA GLN D 41 -64.67 21.77 0.87
C GLN D 41 -64.12 20.35 0.85
N GLU D 42 -63.80 19.85 -0.34
CA GLU D 42 -63.31 18.49 -0.50
C GLU D 42 -61.98 18.25 0.23
N ALA D 43 -61.12 19.27 0.22
CA ALA D 43 -59.85 19.22 0.95
C ALA D 43 -60.11 19.11 2.46
N GLN D 44 -61.04 19.93 2.94
CA GLN D 44 -61.45 19.91 4.32
C GLN D 44 -61.91 18.53 4.78
N LYS D 45 -62.83 17.94 4.02
CA LYS D 45 -63.36 16.62 4.35
C LYS D 45 -62.26 15.59 4.30
N HIS D 46 -61.35 15.73 3.35
CA HIS D 46 -60.21 14.85 3.28
C HIS D 46 -59.24 15.09 4.43
N LEU D 47 -59.08 16.33 4.86
CA LEU D 47 -58.27 16.63 6.03
C LEU D 47 -58.91 16.05 7.28
N TRP D 48 -60.24 16.17 7.39
CA TRP D 48 -60.99 15.61 8.50
C TRP D 48 -60.89 14.09 8.55
N ASP D 49 -60.78 13.47 7.38
CA ASP D 49 -60.57 12.03 7.27
C ASP D 49 -59.21 11.66 7.80
N ILE D 50 -58.18 12.36 7.33
CA ILE D 50 -56.81 12.09 7.75
C ILE D 50 -56.71 12.20 9.28
N TYR D 51 -57.32 13.25 9.81
CA TYR D 51 -57.30 13.52 11.25
C TYR D 51 -57.98 12.42 12.07
N ASN D 52 -59.16 12.00 11.63
CA ASN D 52 -60.09 11.26 12.48
C ASN D 52 -60.34 9.79 12.15
N THR D 53 -59.97 9.37 10.95
CA THR D 53 -60.13 7.96 10.59
C THR D 53 -58.83 7.20 10.75
N ASP D 54 -58.95 5.88 10.93
CA ASP D 54 -57.79 4.99 10.99
C ASP D 54 -57.17 4.80 9.60
N GLU D 55 -57.76 5.44 8.59
CA GLU D 55 -57.47 5.13 7.18
C GLU D 55 -56.14 5.63 6.66
N TYR D 56 -55.70 6.81 7.10
CA TYR D 56 -54.55 7.46 6.48
C TYR D 56 -53.27 7.42 7.31
N VAL D 57 -53.35 7.82 8.58
CA VAL D 57 -52.18 7.76 9.47
C VAL D 57 -52.44 6.77 10.62
N ALA D 58 -51.38 6.06 11.02
CA ALA D 58 -51.41 5.18 12.19
C ALA D 58 -51.17 5.96 13.48
N TYR D 59 -52.26 6.37 14.13
CA TYR D 59 -52.20 7.14 15.36
C TYR D 59 -52.01 6.24 16.59
N PRO D 60 -51.11 6.63 17.51
CA PRO D 60 -50.90 5.90 18.77
C PRO D 60 -52.11 5.89 19.71
N ASP D 61 -53.04 6.83 19.53
CA ASP D 61 -54.24 6.92 20.35
C ASP D 61 -55.21 7.98 19.82
N ASP D 62 -56.26 8.27 20.58
CA ASP D 62 -57.22 9.32 20.21
C ASP D 62 -56.92 10.62 20.96
N GLU D 63 -55.91 10.60 21.82
CA GLU D 63 -55.56 11.77 22.64
C GLU D 63 -54.65 12.70 21.86
N LEU D 64 -53.87 12.13 20.95
CA LEU D 64 -52.93 12.88 20.14
C LEU D 64 -53.67 13.90 19.29
N GLN D 65 -53.19 15.13 19.35
CA GLN D 65 -53.83 16.23 18.66
C GLN D 65 -53.02 16.65 17.45
N VAL D 66 -53.73 17.03 16.39
CA VAL D 66 -53.12 17.66 15.23
C VAL D 66 -53.76 19.02 15.01
N ALA D 67 -52.93 19.98 14.62
CA ALA D 67 -53.41 21.25 14.09
C ALA D 67 -52.63 21.54 12.82
N SER D 68 -53.33 22.00 11.78
CA SER D 68 -52.66 22.38 10.54
C SER D 68 -53.43 23.45 9.76
N THR D 69 -52.71 24.10 8.84
CA THR D 69 -53.27 25.07 7.92
C THR D 69 -52.61 24.87 6.57
N ILE D 70 -53.40 24.88 5.51
CA ILE D 70 -52.90 24.70 4.15
C ILE D 70 -53.21 25.96 3.36
N VAL D 71 -52.17 26.58 2.80
CA VAL D 71 -52.31 27.86 2.13
C VAL D 71 -51.92 27.75 0.66
N ASP D 72 -52.79 28.26 -0.21
CA ASP D 72 -52.48 28.41 -1.64
C ASP D 72 -51.39 29.46 -1.77
N VAL D 73 -50.32 29.08 -2.44
CA VAL D 73 -49.06 29.83 -2.43
C VAL D 73 -49.05 31.05 -3.36
N SER D 74 -50.07 31.18 -4.21
CA SER D 74 -50.13 32.29 -5.18
C SER D 74 -50.86 33.51 -4.64
N ASN D 75 -51.50 33.37 -3.47
CA ASN D 75 -52.41 34.39 -2.97
C ASN D 75 -52.57 34.45 -1.46
N GLY D 76 -52.14 33.40 -0.77
CA GLY D 76 -52.30 33.31 0.67
C GLY D 76 -53.69 32.87 1.12
N LYS D 77 -54.47 32.31 0.19
CA LYS D 77 -55.80 31.81 0.50
C LYS D 77 -55.68 30.51 1.29
N VAL D 78 -56.25 30.54 2.50
CA VAL D 78 -56.35 29.33 3.32
C VAL D 78 -57.42 28.48 2.65
N ILE D 79 -57.06 27.25 2.29
CA ILE D 79 -57.98 26.38 1.56
C ILE D 79 -58.50 25.26 2.44
N ALA D 80 -57.74 24.92 3.48
CA ALA D 80 -58.15 23.93 4.48
C ALA D 80 -57.53 24.30 5.82
N GLN D 81 -58.26 24.02 6.89
CA GLN D 81 -57.75 24.24 8.24
C GLN D 81 -58.50 23.39 9.25
N LEU D 82 -57.73 22.70 10.08
CA LEU D 82 -58.30 21.94 11.19
C LEU D 82 -57.33 21.99 12.35
N GLY D 83 -57.84 22.40 13.52
CA GLY D 83 -57.00 22.65 14.69
C GLY D 83 -57.07 21.61 15.78
N ALA D 84 -57.89 20.59 15.55
CA ALA D 84 -58.11 19.55 16.56
C ALA D 84 -58.61 18.26 15.92
N ARG D 85 -58.54 17.17 16.67
CA ARG D 85 -59.10 15.88 16.23
C ARG D 85 -59.68 15.08 17.41
N HIS D 86 -60.69 14.26 17.11
CA HIS D 86 -61.49 13.56 18.12
C HIS D 86 -61.94 14.52 19.24
N GLN D 87 -62.34 15.71 18.83
CA GLN D 87 -62.72 16.80 19.74
C GLN D 87 -64.25 16.97 19.75
N SER D 88 -64.96 15.85 19.66
CA SER D 88 -66.43 15.85 19.62
C SER D 88 -67.06 16.34 20.94
N SER D 89 -67.23 17.66 21.04
CA SER D 89 -67.84 18.28 22.21
C SER D 89 -68.87 19.34 21.81
N ASN D 90 -69.91 19.46 22.63
CA ASN D 90 -71.01 20.39 22.37
C ASN D 90 -70.65 21.85 22.64
N VAL D 91 -69.74 22.38 21.80
CA VAL D 91 -69.35 23.79 21.87
C VAL D 91 -69.07 24.35 20.46
N SER D 92 -69.98 25.21 20.01
CA SER D 92 -69.86 25.80 18.69
C SER D 92 -68.89 26.97 18.71
N PHE D 93 -67.98 26.96 17.72
CA PHE D 93 -66.96 28.01 17.51
C PHE D 93 -65.97 28.16 18.66
N GLY D 94 -65.44 27.02 19.12
CA GLY D 94 -64.50 26.97 20.23
C GLY D 94 -63.12 27.55 19.94
N ILE D 95 -62.11 26.99 20.59
CA ILE D 95 -60.71 27.41 20.43
C ILE D 95 -60.10 26.74 19.19
N ASN D 96 -59.55 27.55 18.29
CA ASN D 96 -58.88 27.02 17.11
C ASN D 96 -57.36 27.06 17.26
N GLN D 97 -56.77 25.90 17.56
CA GLN D 97 -55.33 25.80 17.82
C GLN D 97 -54.52 26.23 16.62
N ALA D 98 -55.06 25.97 15.42
CA ALA D 98 -54.41 26.28 14.16
C ALA D 98 -53.94 27.74 14.03
N VAL D 99 -54.61 28.67 14.73
CA VAL D 99 -54.22 30.08 14.72
C VAL D 99 -53.52 30.54 16.00
N GLU D 100 -53.73 29.79 17.08
CA GLU D 100 -53.13 30.10 18.39
C GLU D 100 -51.62 29.84 18.35
N THR D 101 -50.88 30.60 19.17
CA THR D 101 -49.42 30.59 19.12
C THR D 101 -48.77 30.10 20.42
N ASN D 102 -49.56 29.52 21.31
CA ASN D 102 -49.08 29.09 22.62
C ASN D 102 -48.19 27.84 22.64
N ARG D 103 -47.91 27.28 21.47
CA ARG D 103 -47.02 26.11 21.37
C ARG D 103 -45.77 26.43 20.57
N ASP D 104 -44.64 25.93 21.06
CA ASP D 104 -43.31 26.14 20.49
C ASP D 104 -43.13 25.44 19.14
N TRP D 105 -42.71 26.21 18.13
CA TRP D 105 -42.51 25.64 16.80
C TRP D 105 -41.08 25.09 16.52
N GLY D 106 -40.25 25.10 17.55
CA GLY D 106 -38.94 24.44 17.50
C GLY D 106 -38.03 24.82 16.36
N SER D 107 -37.46 23.81 15.71
CA SER D 107 -36.48 24.01 14.64
C SER D 107 -37.07 24.54 13.34
N THR D 108 -38.39 24.46 13.19
CA THR D 108 -39.05 24.93 11.97
C THR D 108 -38.93 26.45 11.83
N MET D 109 -38.42 27.10 12.88
CA MET D 109 -38.09 28.52 12.84
C MET D 109 -36.76 28.77 12.13
N LYS D 110 -35.82 27.84 12.26
CA LYS D 110 -34.47 27.99 11.71
C LYS D 110 -34.46 28.57 10.29
N PRO D 111 -35.23 27.97 9.36
CA PRO D 111 -35.35 28.50 7.99
C PRO D 111 -35.76 29.98 7.87
N ILE D 112 -36.82 30.40 8.57
CA ILE D 112 -37.32 31.79 8.44
C ILE D 112 -36.61 32.80 9.34
N THR D 113 -35.95 32.31 10.38
CA THR D 113 -35.37 33.18 11.40
C THR D 113 -33.85 33.39 11.22
N ASP D 114 -33.15 32.33 10.81
CA ASP D 114 -31.69 32.34 10.82
C ASP D 114 -31.08 32.34 9.42
N TYR D 115 -31.35 31.28 8.66
CA TYR D 115 -30.61 31.02 7.42
C TYR D 115 -31.02 31.89 6.25
N ALA D 116 -32.33 32.08 6.07
CA ALA D 116 -32.85 32.91 5.00
C ALA D 116 -32.37 34.36 5.16
N PRO D 117 -32.49 34.94 6.38
CA PRO D 117 -31.93 36.27 6.57
C PRO D 117 -30.43 36.30 6.28
N ALA D 118 -29.73 35.23 6.66
CA ALA D 118 -28.30 35.12 6.44
C ALA D 118 -27.98 35.27 4.95
N LEU D 119 -28.54 34.39 4.13
CA LEU D 119 -28.33 34.44 2.69
C LEU D 119 -28.82 35.77 2.11
N GLU D 120 -30.02 36.19 2.51
CA GLU D 120 -30.60 37.45 2.07
C GLU D 120 -29.65 38.63 2.23
N TYR D 121 -28.97 38.71 3.37
CA TYR D 121 -28.08 39.83 3.65
C TYR D 121 -26.60 39.46 3.50
N GLY D 122 -26.30 38.66 2.48
CA GLY D 122 -24.93 38.34 2.09
C GLY D 122 -24.04 37.60 3.08
N VAL D 123 -24.61 37.17 4.21
CA VAL D 123 -23.82 36.58 5.30
C VAL D 123 -23.11 35.29 4.88
N TYR D 124 -23.81 34.43 4.15
CA TYR D 124 -23.20 33.24 3.55
C TYR D 124 -23.38 33.25 2.04
N ASP D 125 -22.38 32.80 1.30
CA ASP D 125 -22.35 32.93 -0.16
C ASP D 125 -22.96 31.81 -1.00
N SER D 126 -23.20 30.65 -0.38
CA SER D 126 -23.74 29.50 -1.09
C SER D 126 -24.31 28.47 -0.12
N THR D 127 -25.02 27.49 -0.67
CA THR D 127 -25.51 26.36 0.12
C THR D 127 -24.33 25.50 0.59
N ALA D 128 -23.17 25.68 -0.04
CA ALA D 128 -21.97 24.93 0.30
C ALA D 128 -21.11 25.59 1.38
N THR D 129 -21.43 26.83 1.75
CA THR D 129 -20.68 27.55 2.79
C THR D 129 -20.54 26.68 4.02
N ILE D 130 -19.29 26.50 4.45
CA ILE D 130 -18.97 25.73 5.65
C ILE D 130 -19.30 26.55 6.89
N VAL D 131 -20.14 25.97 7.75
CA VAL D 131 -20.53 26.60 8.99
C VAL D 131 -20.09 25.67 10.14
N HIS D 132 -20.23 26.11 11.38
CA HIS D 132 -19.51 25.45 12.49
C HIS D 132 -20.38 24.77 13.53
N ASP D 133 -20.33 23.44 13.56
CA ASP D 133 -20.99 22.68 14.60
C ASP D 133 -19.97 22.20 15.64
N GLU D 134 -19.59 23.13 16.51
CA GLU D 134 -18.59 22.91 17.55
C GLU D 134 -19.12 23.57 18.83
N PRO D 135 -18.53 23.25 20.00
CA PRO D 135 -19.02 23.86 21.26
C PRO D 135 -19.06 25.39 21.24
N TYR D 136 -20.21 25.93 21.64
CA TYR D 136 -20.53 27.34 21.44
C TYR D 136 -21.54 27.77 22.53
N ASN D 137 -21.54 29.05 22.87
CA ASN D 137 -22.48 29.56 23.86
C ASN D 137 -23.39 30.65 23.31
N TYR D 138 -24.61 30.72 23.84
CA TYR D 138 -25.50 31.82 23.52
C TYR D 138 -24.72 33.13 23.63
N PRO D 139 -24.48 33.80 22.50
CA PRO D 139 -23.49 34.87 22.34
C PRO D 139 -23.19 35.69 23.61
N GLY D 140 -21.93 35.66 24.02
CA GLY D 140 -21.43 36.44 25.15
C GLY D 140 -21.61 35.84 26.54
N THR D 141 -22.52 34.88 26.68
CA THR D 141 -22.83 34.29 27.99
C THR D 141 -22.04 33.01 28.28
N ASN D 142 -22.31 32.43 29.45
CA ASN D 142 -21.66 31.20 29.91
C ASN D 142 -22.46 29.92 29.63
N THR D 143 -23.71 30.09 29.17
CA THR D 143 -24.62 28.98 28.88
C THR D 143 -24.31 28.34 27.51
N PRO D 144 -24.13 27.00 27.49
CA PRO D 144 -23.84 26.30 26.25
C PRO D 144 -25.07 26.10 25.38
N VAL D 145 -24.87 26.13 24.07
CA VAL D 145 -25.91 25.72 23.12
C VAL D 145 -25.68 24.25 22.83
N TYR D 146 -26.63 23.40 23.22
CA TYR D 146 -26.51 21.96 23.00
C TYR D 146 -27.31 21.52 21.78
N ASN D 147 -26.75 20.58 21.03
CA ASN D 147 -27.50 19.87 20.00
C ASN D 147 -28.42 18.84 20.66
N TRP D 148 -29.31 18.24 19.86
CA TRP D 148 -30.30 17.28 20.36
C TRP D 148 -29.70 15.99 20.94
N ASP D 149 -28.46 15.71 20.57
CA ASP D 149 -27.79 14.46 20.94
C ASP D 149 -26.55 14.77 21.77
N ARG D 150 -26.55 15.93 22.42
CA ARG D 150 -25.37 16.43 23.15
C ARG D 150 -24.05 16.28 22.37
N GLY D 151 -24.12 16.38 21.04
CA GLY D 151 -22.95 16.17 20.17
C GLY D 151 -22.56 17.36 19.31
N TYR D 152 -21.51 17.17 18.50
CA TYR D 152 -20.98 18.20 17.61
C TYR D 152 -20.37 17.60 16.35
N PHE D 153 -20.93 17.93 15.18
CA PHE D 153 -20.46 17.35 13.90
C PHE D 153 -19.12 17.89 13.39
N GLY D 154 -18.80 19.12 13.78
CA GLY D 154 -17.58 19.79 13.30
C GLY D 154 -17.84 20.70 12.10
N ASN D 155 -16.83 20.84 11.25
CA ASN D 155 -16.94 21.60 10.02
C ASN D 155 -17.85 20.88 9.02
N ILE D 156 -18.99 21.50 8.73
CA ILE D 156 -20.00 20.91 7.85
C ILE D 156 -20.61 21.98 6.96
N THR D 157 -21.14 21.57 5.82
CA THR D 157 -21.82 22.49 4.89
C THR D 157 -23.10 23.04 5.50
N LEU D 158 -23.54 24.19 4.98
CA LEU D 158 -24.76 24.86 5.45
C LEU D 158 -25.99 24.00 5.21
N GLN D 159 -26.04 23.37 4.03
CA GLN D 159 -27.12 22.48 3.67
C GLN D 159 -27.23 21.36 4.69
N TYR D 160 -26.12 20.68 4.95
CA TYR D 160 -26.11 19.57 5.90
C TYR D 160 -26.57 20.02 7.30
N ALA D 161 -26.05 21.16 7.77
CA ALA D 161 -26.47 21.76 9.04
C ALA D 161 -27.99 21.91 9.15
N LEU D 162 -28.63 22.29 8.04
CA LEU D 162 -30.08 22.44 7.99
C LEU D 162 -30.76 21.10 7.79
N GLN D 163 -30.16 20.25 6.98
CA GLN D 163 -30.65 18.92 6.70
C GLN D 163 -30.72 18.10 7.99
N GLN D 164 -29.64 18.17 8.77
CA GLN D 164 -29.50 17.38 10.00
C GLN D 164 -29.93 18.15 11.24
N SER D 165 -30.37 19.38 11.04
CA SER D 165 -30.91 20.24 12.09
C SER D 165 -30.02 20.37 13.34
N ARG D 166 -28.80 20.86 13.13
CA ARG D 166 -27.88 21.12 14.23
C ARG D 166 -28.18 22.49 14.80
N ASN D 167 -28.26 22.57 16.12
CA ASN D 167 -28.64 23.78 16.81
C ASN D 167 -27.58 24.88 16.78
N VAL D 168 -26.31 24.48 16.92
CA VAL D 168 -25.24 25.45 17.04
C VAL D 168 -25.14 26.40 15.85
N PRO D 169 -25.03 25.86 14.61
CA PRO D 169 -24.88 26.75 13.45
C PRO D 169 -26.04 27.73 13.31
N ALA D 170 -27.23 27.32 13.72
CA ALA D 170 -28.41 28.18 13.70
C ALA D 170 -28.25 29.40 14.62
N VAL D 171 -27.92 29.15 15.88
CA VAL D 171 -27.69 30.22 16.83
C VAL D 171 -26.59 31.16 16.34
N GLU D 172 -25.42 30.62 16.08
CA GLU D 172 -24.31 31.42 15.57
C GLU D 172 -24.74 32.28 14.37
N THR D 173 -25.50 31.68 13.45
CA THR D 173 -26.00 32.37 12.25
C THR D 173 -26.89 33.57 12.60
N LEU D 174 -27.80 33.38 13.57
CA LEU D 174 -28.62 34.49 14.04
C LEU D 174 -27.74 35.61 14.57
N ASN D 175 -26.68 35.25 15.31
CA ASN D 175 -25.74 36.24 15.82
C ASN D 175 -25.03 36.99 14.70
N LYS D 176 -24.61 36.26 13.68
CA LYS D 176 -23.99 36.86 12.51
C LYS D 176 -24.97 37.75 11.75
N VAL D 177 -26.22 37.31 11.65
CA VAL D 177 -27.28 38.10 11.02
C VAL D 177 -27.60 39.37 11.82
N GLY D 178 -27.78 39.21 13.13
CA GLY D 178 -28.18 40.30 14.01
C GLY D 178 -29.62 40.17 14.48
N LEU D 179 -29.84 40.21 15.79
CA LEU D 179 -31.18 40.14 16.36
C LEU D 179 -32.10 41.23 15.79
N ASN D 180 -31.52 42.38 15.43
CA ASN D 180 -32.24 43.45 14.76
C ASN D 180 -32.82 42.98 13.42
N ARG D 181 -31.93 42.67 12.47
CA ARG D 181 -32.30 42.31 11.10
C ARG D 181 -33.24 41.11 10.98
N ALA D 182 -33.05 40.12 11.83
CA ALA D 182 -33.83 38.89 11.79
C ALA D 182 -35.29 39.16 12.14
N LYS D 183 -35.51 39.96 13.19
CA LYS D 183 -36.84 40.39 13.61
C LYS D 183 -37.55 41.05 12.43
N THR D 184 -36.83 41.94 11.73
CA THR D 184 -37.34 42.64 10.55
C THR D 184 -37.76 41.68 9.44
N PHE D 185 -36.93 40.67 9.20
CA PHE D 185 -37.18 39.68 8.16
C PHE D 185 -38.41 38.86 8.51
N LEU D 186 -38.52 38.50 9.79
CA LEU D 186 -39.66 37.76 10.29
C LEU D 186 -40.94 38.57 10.13
N ASN D 187 -40.83 39.88 10.32
CA ASN D 187 -41.97 40.80 10.13
C ASN D 187 -42.47 40.77 8.69
N GLY D 188 -41.52 40.76 7.76
CA GLY D 188 -41.82 40.69 6.33
C GLY D 188 -42.54 39.40 6.00
N LEU D 189 -42.32 38.38 6.85
CA LEU D 189 -43.00 37.10 6.74
C LEU D 189 -44.25 37.03 7.64
N GLY D 190 -44.58 38.15 8.28
CA GLY D 190 -45.76 38.23 9.13
C GLY D 190 -45.62 37.51 10.45
N ILE D 191 -44.43 37.58 11.05
CA ILE D 191 -44.19 37.04 12.37
C ILE D 191 -43.46 38.07 13.22
N ASP D 192 -43.90 38.19 14.47
CA ASP D 192 -43.26 39.12 15.39
C ASP D 192 -43.29 38.58 16.81
N TYR D 193 -42.19 38.81 17.52
CA TYR D 193 -42.14 38.65 18.96
C TYR D 193 -42.08 40.05 19.53
N PRO D 194 -42.48 40.22 20.80
CA PRO D 194 -42.32 41.56 21.37
C PRO D 194 -40.85 41.88 21.57
N SER D 195 -40.10 40.88 22.06
CA SER D 195 -38.68 41.01 22.33
C SER D 195 -37.99 39.77 21.77
N ILE D 196 -37.04 39.96 20.85
CA ILE D 196 -36.32 38.82 20.26
C ILE D 196 -35.06 38.47 21.03
N HIS D 197 -34.91 37.18 21.35
CA HIS D 197 -33.72 36.70 22.03
C HIS D 197 -33.08 35.58 21.23
N TYR D 198 -31.82 35.29 21.55
CA TYR D 198 -31.05 34.28 20.85
C TYR D 198 -31.64 32.89 20.92
N SER D 199 -32.52 32.67 21.90
CA SER D 199 -33.25 31.40 21.99
C SER D 199 -34.22 31.23 20.82
N ASN D 200 -34.68 32.34 20.25
CA ASN D 200 -35.62 32.33 19.15
C ASN D 200 -35.04 31.84 17.83
N ALA D 201 -33.77 31.44 17.86
CA ALA D 201 -33.12 30.83 16.72
C ALA D 201 -33.61 29.41 16.55
N ILE D 202 -33.99 28.78 17.66
CA ILE D 202 -34.41 27.39 17.67
C ILE D 202 -35.78 27.25 18.34
N SER D 203 -36.46 28.38 18.55
CA SER D 203 -37.70 28.40 19.31
C SER D 203 -38.64 29.52 18.86
N SER D 204 -39.95 29.28 19.00
CA SER D 204 -40.93 30.34 18.81
C SER D 204 -41.48 30.76 20.16
N ASN D 205 -40.89 30.20 21.22
CA ASN D 205 -41.26 30.50 22.59
C ASN D 205 -41.14 31.99 22.84
N THR D 206 -42.29 32.65 22.92
CA THR D 206 -42.38 34.11 23.04
C THR D 206 -42.65 34.57 24.47
N THR D 207 -42.13 35.75 24.79
CA THR D 207 -42.22 36.34 26.13
C THR D 207 -43.54 37.10 26.36
N GLU D 208 -44.55 36.83 25.54
CA GLU D 208 -45.88 37.42 25.70
C GLU D 208 -47.01 36.44 25.35
N SER D 209 -46.98 35.95 24.11
CA SER D 209 -47.94 34.97 23.57
C SER D 209 -49.37 35.45 23.34
N ASP D 210 -49.70 36.66 23.82
CA ASP D 210 -51.08 37.17 23.82
C ASP D 210 -51.80 37.24 22.46
N LYS D 211 -51.13 37.75 21.44
CA LYS D 211 -51.80 38.06 20.16
C LYS D 211 -51.11 37.56 18.87
N LYS D 212 -50.46 38.47 18.15
CA LYS D 212 -49.77 38.14 16.90
C LYS D 212 -48.41 37.50 17.16
N TYR D 213 -47.92 37.64 18.39
CA TYR D 213 -46.59 37.16 18.75
C TYR D 213 -46.46 35.65 18.69
N GLY D 214 -45.39 35.18 18.04
CA GLY D 214 -45.08 33.75 18.01
C GLY D 214 -45.42 33.06 16.71
N ALA D 215 -45.52 31.74 16.76
CA ALA D 215 -45.84 30.97 15.58
C ALA D 215 -47.08 30.11 15.79
N SER D 216 -47.94 30.08 14.77
CA SER D 216 -49.09 29.20 14.70
C SER D 216 -49.03 28.44 13.39
N SER D 217 -49.89 27.45 13.19
CA SER D 217 -49.94 26.74 11.91
C SER D 217 -50.38 27.65 10.76
N GLU D 218 -51.20 28.66 11.07
CA GLU D 218 -51.66 29.64 10.08
C GLU D 218 -50.47 30.46 9.58
N LYS D 219 -49.74 31.07 10.51
CA LYS D 219 -48.62 31.94 10.20
C LYS D 219 -47.47 31.18 9.53
N MET D 220 -47.20 29.96 10.02
CA MET D 220 -46.06 29.16 9.55
C MET D 220 -46.21 28.68 8.12
N ALA D 221 -47.43 28.26 7.78
CA ALA D 221 -47.77 27.95 6.39
C ALA D 221 -47.62 29.18 5.51
N ALA D 222 -48.08 30.32 6.01
CA ALA D 222 -48.03 31.58 5.26
C ALA D 222 -46.62 32.16 5.13
N ALA D 223 -45.72 31.77 6.03
CA ALA D 223 -44.32 32.19 5.92
C ALA D 223 -43.55 31.28 4.95
N TYR D 224 -43.75 29.98 5.08
CA TYR D 224 -43.12 29.00 4.17
C TYR D 224 -43.66 29.15 2.74
N ALA D 225 -44.81 29.81 2.61
CA ALA D 225 -45.39 30.12 1.31
C ALA D 225 -44.45 31.01 0.53
N ALA D 226 -43.84 31.98 1.23
CA ALA D 226 -42.85 32.88 0.62
C ALA D 226 -41.69 32.15 -0.04
N PHE D 227 -41.25 31.04 0.56
CA PHE D 227 -40.22 30.22 -0.05
C PHE D 227 -40.69 29.65 -1.38
N ALA D 228 -41.95 29.20 -1.38
CA ALA D 228 -42.53 28.41 -2.47
C ALA D 228 -42.83 29.20 -3.75
N ASN D 229 -43.25 30.45 -3.61
CA ASN D 229 -43.68 31.26 -4.75
C ASN D 229 -42.62 32.22 -5.30
N GLY D 230 -41.38 32.09 -4.85
CA GLY D 230 -40.31 32.97 -5.32
C GLY D 230 -39.91 34.08 -4.37
N GLY D 231 -40.64 34.25 -3.27
CA GLY D 231 -40.22 35.19 -2.24
C GLY D 231 -41.24 36.22 -1.79
N THR D 232 -42.52 35.89 -1.92
CA THR D 232 -43.57 36.83 -1.56
C THR D 232 -44.37 36.39 -0.33
N TYR D 233 -44.68 37.33 0.55
CA TYR D 233 -45.58 37.06 1.66
C TYR D 233 -46.98 37.54 1.36
N TYR D 234 -47.94 36.65 1.57
CA TYR D 234 -49.35 36.99 1.47
C TYR D 234 -50.01 36.85 2.81
N LYS D 235 -50.77 37.88 3.21
CA LYS D 235 -51.64 37.81 4.38
C LYS D 235 -52.63 36.66 4.20
N PRO D 236 -52.74 35.77 5.20
CA PRO D 236 -53.68 34.64 5.17
C PRO D 236 -55.13 35.08 5.02
N MET D 237 -55.78 34.61 3.96
CA MET D 237 -57.14 35.02 3.62
C MET D 237 -58.12 33.86 3.72
N TYR D 238 -59.21 34.09 4.46
CA TYR D 238 -60.29 33.11 4.56
C TYR D 238 -61.48 33.53 3.71
N ILE D 239 -61.62 34.84 3.50
CA ILE D 239 -62.72 35.39 2.71
C ILE D 239 -62.23 36.23 1.51
N HIS D 240 -63.09 36.36 0.50
CA HIS D 240 -62.78 37.21 -0.64
C HIS D 240 -63.96 38.10 -1.05
N LYS D 241 -65.13 37.82 -0.48
CA LYS D 241 -66.36 38.54 -0.81
C LYS D 241 -67.41 38.45 0.29
N VAL D 242 -68.05 39.59 0.56
CA VAL D 242 -69.23 39.63 1.43
C VAL D 242 -70.30 40.51 0.80
N VAL D 243 -71.51 39.97 0.65
CA VAL D 243 -72.64 40.76 0.15
C VAL D 243 -73.66 41.01 1.28
N PHE D 244 -73.97 42.29 1.48
CA PHE D 244 -74.85 42.72 2.57
C PHE D 244 -76.33 42.50 2.24
N SER D 245 -77.19 42.72 3.22
CA SER D 245 -78.64 42.60 3.03
C SER D 245 -79.17 43.61 2.02
N ASP D 246 -78.59 44.82 2.05
CA ASP D 246 -79.05 45.96 1.28
C ASP D 246 -78.51 46.02 -0.14
N GLY D 247 -77.88 44.94 -0.60
CA GLY D 247 -77.33 44.86 -1.94
C GLY D 247 -75.89 45.33 -2.07
N SER D 248 -75.36 45.96 -1.02
CA SER D 248 -73.95 46.36 -0.97
C SER D 248 -73.05 45.14 -0.96
N GLU D 249 -71.86 45.28 -1.54
CA GLU D 249 -70.84 44.23 -1.50
C GLU D 249 -69.44 44.80 -1.38
N LYS D 250 -68.55 44.03 -0.76
CA LYS D 250 -67.15 44.40 -0.65
C LYS D 250 -66.28 43.18 -0.99
N GLU D 251 -65.40 43.35 -1.96
CA GLU D 251 -64.47 42.29 -2.34
C GLU D 251 -63.14 42.52 -1.65
N PHE D 252 -62.43 41.43 -1.39
CA PHE D 252 -61.17 41.51 -0.66
C PHE D 252 -59.99 41.05 -1.50
N SER D 253 -59.24 42.03 -2.00
CA SER D 253 -58.00 41.78 -2.74
C SER D 253 -56.87 41.47 -1.77
N ASN D 254 -55.81 40.88 -2.30
CA ASN D 254 -54.66 40.49 -1.49
C ASN D 254 -53.33 40.79 -2.18
N VAL D 255 -52.79 41.97 -1.89
CA VAL D 255 -51.46 42.36 -2.40
C VAL D 255 -50.33 41.66 -1.65
N GLY D 256 -49.35 41.17 -2.40
CA GLY D 256 -48.15 40.58 -1.81
C GLY D 256 -47.11 41.61 -1.41
N THR D 257 -46.20 41.20 -0.53
CA THR D 257 -45.03 42.00 -0.18
C THR D 257 -43.81 41.11 -0.33
N ARG D 258 -42.73 41.65 -0.90
CA ARG D 258 -41.52 40.86 -1.08
C ARG D 258 -40.78 40.67 0.25
N ALA D 259 -40.77 39.42 0.73
CA ALA D 259 -40.14 39.08 2.00
C ALA D 259 -38.68 38.64 1.83
N MET D 260 -38.31 38.27 0.60
CA MET D 260 -36.92 37.90 0.29
C MET D 260 -36.69 37.84 -1.22
N LYS D 261 -35.43 37.94 -1.65
CA LYS D 261 -35.06 37.75 -3.06
C LYS D 261 -35.50 36.40 -3.59
N GLU D 262 -35.67 36.30 -4.91
CA GLU D 262 -36.00 35.03 -5.53
C GLU D 262 -34.83 34.06 -5.38
N THR D 263 -33.61 34.59 -5.49
CA THR D 263 -32.38 33.81 -5.28
C THR D 263 -32.32 33.25 -3.86
N THR D 264 -32.68 34.07 -2.88
CA THR D 264 -32.73 33.66 -1.48
C THR D 264 -33.75 32.55 -1.32
N ALA D 265 -34.97 32.80 -1.82
CA ALA D 265 -36.06 31.84 -1.78
C ALA D 265 -35.68 30.50 -2.42
N TYR D 266 -35.08 30.56 -3.62
CA TYR D 266 -34.66 29.35 -4.31
C TYR D 266 -33.64 28.55 -3.50
N MET D 267 -32.63 29.24 -2.98
CA MET D 267 -31.58 28.60 -2.17
C MET D 267 -32.12 27.88 -0.95
N MET D 268 -33.02 28.53 -0.23
CA MET D 268 -33.70 27.91 0.89
C MET D 268 -34.45 26.65 0.45
N THR D 269 -35.26 26.77 -0.61
CA THR D 269 -36.03 25.66 -1.16
C THR D 269 -35.11 24.50 -1.51
N ASP D 270 -34.02 24.83 -2.19
CA ASP D 270 -33.04 23.86 -2.64
C ASP D 270 -32.49 23.04 -1.48
N MET D 271 -32.18 23.72 -0.38
CA MET D 271 -31.64 23.05 0.80
C MET D 271 -32.68 22.17 1.48
N MET D 272 -33.82 22.77 1.80
CA MET D 272 -34.92 22.07 2.50
C MET D 272 -35.42 20.86 1.70
N LYS D 273 -35.18 20.87 0.39
CA LYS D 273 -35.45 19.72 -0.45
C LYS D 273 -34.73 18.48 0.09
N THR D 274 -33.48 18.66 0.52
CA THR D 274 -32.64 17.57 1.04
C THR D 274 -33.04 17.08 2.43
N VAL D 275 -33.80 17.90 3.15
CA VAL D 275 -34.34 17.46 4.44
C VAL D 275 -35.20 16.21 4.20
N LEU D 276 -35.96 16.23 3.09
CA LEU D 276 -36.91 15.15 2.77
C LEU D 276 -36.26 13.90 2.17
N SER D 277 -35.02 14.02 1.72
CA SER D 277 -34.34 12.90 1.05
C SER D 277 -33.21 12.27 1.89
N TYR D 278 -32.35 13.09 2.46
CA TYR D 278 -31.19 12.57 3.21
C TYR D 278 -31.16 12.95 4.70
N GLY D 279 -32.20 13.62 5.19
CA GLY D 279 -32.24 14.03 6.60
C GLY D 279 -33.46 13.64 7.42
N THR D 280 -34.02 14.65 8.08
CA THR D 280 -34.96 14.49 9.19
C THR D 280 -36.43 14.27 8.79
N GLY D 281 -36.87 14.89 7.70
CA GLY D 281 -38.27 14.80 7.28
C GLY D 281 -38.50 13.77 6.20
N GLN D 282 -38.02 12.55 6.42
CA GLN D 282 -38.08 11.52 5.38
C GLN D 282 -39.37 10.73 5.36
N ASN D 283 -40.26 11.00 6.31
CA ASN D 283 -41.59 10.38 6.31
C ASN D 283 -42.53 11.15 5.41
N ALA D 284 -42.13 12.36 5.04
CA ALA D 284 -42.91 13.22 4.16
C ALA D 284 -42.35 13.21 2.74
N TYR D 285 -41.42 12.28 2.50
CA TYR D 285 -40.80 12.15 1.20
C TYR D 285 -41.77 11.54 0.19
N LEU D 286 -41.95 12.23 -0.93
CA LEU D 286 -42.70 11.69 -2.07
C LEU D 286 -41.86 11.77 -3.34
N ALA D 287 -41.55 10.59 -3.89
CA ALA D 287 -40.62 10.45 -5.01
C ALA D 287 -40.97 11.30 -6.24
N TRP D 288 -42.26 11.37 -6.54
CA TRP D 288 -42.77 12.00 -7.76
C TRP D 288 -43.15 13.45 -7.55
N LEU D 289 -42.98 13.95 -6.33
CA LEU D 289 -43.42 15.29 -6.00
C LEU D 289 -42.28 16.19 -5.55
N PRO D 290 -41.95 17.21 -6.36
CA PRO D 290 -41.01 18.26 -5.95
C PRO D 290 -41.61 19.11 -4.84
N GLN D 291 -40.94 19.11 -3.69
CA GLN D 291 -41.39 19.77 -2.47
C GLN D 291 -40.26 19.87 -1.46
N ALA D 292 -40.28 20.93 -0.65
CA ALA D 292 -39.27 21.14 0.39
C ALA D 292 -39.93 21.41 1.73
N GLY D 293 -39.25 21.06 2.82
CA GLY D 293 -39.78 21.29 4.17
C GLY D 293 -38.75 21.23 5.27
N LYS D 294 -39.21 21.43 6.51
CA LYS D 294 -38.38 21.31 7.70
C LYS D 294 -39.14 20.54 8.80
N THR D 295 -38.41 19.74 9.57
CA THR D 295 -38.99 19.09 10.75
C THR D 295 -38.72 19.88 12.01
N GLY D 296 -39.62 19.75 12.98
CA GLY D 296 -39.47 20.37 14.28
C GLY D 296 -39.73 19.37 15.38
N THR D 297 -39.08 19.57 16.52
CA THR D 297 -39.24 18.70 17.69
C THR D 297 -38.85 19.48 18.92
N SER D 298 -39.80 20.20 19.51
CA SER D 298 -39.50 21.01 20.69
C SER D 298 -39.11 20.13 21.89
N ASN D 299 -38.57 20.77 22.93
CA ASN D 299 -38.15 20.07 24.14
C ASN D 299 -38.75 20.69 25.40
N TYR D 300 -38.40 20.14 26.54
CA TYR D 300 -38.93 20.59 27.83
C TYR D 300 -37.90 21.43 28.57
N THR D 301 -38.39 22.28 29.47
CA THR D 301 -37.52 23.01 30.41
C THR D 301 -37.03 22.04 31.49
N ASP D 302 -35.96 22.42 32.18
CA ASP D 302 -35.35 21.59 33.24
C ASP D 302 -36.31 21.14 34.34
N GLU D 303 -37.17 22.06 34.81
CA GLU D 303 -38.21 21.72 35.78
C GLU D 303 -39.05 20.55 35.27
N GLU D 304 -39.45 20.64 34.00
CA GLU D 304 -40.28 19.62 33.36
C GLU D 304 -39.59 18.26 33.22
N ILE D 305 -38.31 18.26 32.84
CA ILE D 305 -37.58 16.98 32.68
C ILE D 305 -37.40 16.31 34.04
N GLU D 306 -37.14 17.11 35.08
CA GLU D 306 -36.94 16.57 36.42
C GLU D 306 -38.24 16.22 37.16
N ASN D 307 -39.21 17.14 37.15
CA ASN D 307 -40.42 16.96 37.95
C ASN D 307 -41.65 16.39 37.25
N HIS D 308 -41.74 16.54 35.92
CA HIS D 308 -42.98 16.18 35.23
C HIS D 308 -42.87 15.10 34.14
N ILE D 309 -41.65 14.83 33.65
CA ILE D 309 -41.43 13.77 32.65
C ILE D 309 -40.54 12.64 33.19
N LYS D 310 -41.14 11.46 33.33
CA LYS D 310 -40.47 10.31 33.94
C LYS D 310 -40.14 9.28 32.89
N THR D 311 -39.13 9.58 32.07
CA THR D 311 -38.71 8.65 31.03
C THR D 311 -37.24 8.77 30.65
N SER D 312 -36.70 7.70 30.06
CA SER D 312 -35.39 7.72 29.41
C SER D 312 -35.59 7.57 27.90
N GLN D 313 -36.84 7.45 27.47
CA GLN D 313 -37.19 7.46 26.05
C GLN D 313 -36.93 8.84 25.44
N PHE D 314 -36.88 8.88 24.11
CA PHE D 314 -36.85 10.15 23.39
C PHE D 314 -38.26 10.72 23.36
N VAL D 315 -38.43 11.87 23.99
CA VAL D 315 -39.75 12.52 24.10
C VAL D 315 -39.75 13.97 23.64
N ALA D 316 -40.94 14.52 23.43
CA ALA D 316 -41.09 15.92 23.01
C ALA D 316 -42.52 16.40 23.23
N PRO D 317 -42.70 17.65 23.71
CA PRO D 317 -44.04 18.20 23.86
C PRO D 317 -44.71 18.53 22.53
N ASP D 318 -43.91 18.84 21.50
CA ASP D 318 -44.41 19.16 20.17
C ASP D 318 -43.54 18.55 19.08
N GLU D 319 -44.19 18.02 18.05
CA GLU D 319 -43.51 17.60 16.82
C GLU D 319 -44.09 18.38 15.65
N LEU D 320 -43.23 18.80 14.73
CA LEU D 320 -43.66 19.74 13.69
C LEU D 320 -43.16 19.41 12.30
N PHE D 321 -43.92 19.86 11.31
CA PHE D 321 -43.50 19.80 9.92
C PHE D 321 -44.15 20.92 9.14
N ALA D 322 -43.32 21.81 8.61
CA ALA D 322 -43.78 22.87 7.72
C ALA D 322 -43.16 22.66 6.34
N GLY D 323 -44.00 22.40 5.34
CA GLY D 323 -43.53 22.14 4.00
C GLY D 323 -44.36 22.80 2.93
N TYR D 324 -43.94 22.67 1.68
CA TYR D 324 -44.64 23.25 0.55
C TYR D 324 -44.26 22.55 -0.76
N THR D 325 -45.12 22.72 -1.77
CA THR D 325 -44.83 22.35 -3.15
C THR D 325 -44.76 23.66 -3.92
N ARG D 326 -44.97 23.61 -5.23
CA ARG D 326 -45.02 24.82 -6.03
C ARG D 326 -46.41 25.49 -5.97
N LYS D 327 -47.40 24.78 -5.45
CA LYS D 327 -48.78 25.29 -5.40
C LYS D 327 -49.35 25.45 -3.98
N TYR D 328 -49.03 24.52 -3.09
CA TYR D 328 -49.64 24.53 -1.74
C TYR D 328 -48.63 24.45 -0.62
N SER D 329 -48.85 25.28 0.40
CA SER D 329 -48.00 25.32 1.59
C SER D 329 -48.77 24.78 2.79
N MET D 330 -48.20 23.79 3.48
CA MET D 330 -48.86 23.16 4.64
C MET D 330 -47.95 23.14 5.87
N ALA D 331 -48.54 23.44 7.04
CA ALA D 331 -47.80 23.49 8.30
C ALA D 331 -48.54 22.70 9.38
N VAL D 332 -47.94 21.59 9.80
CA VAL D 332 -48.54 20.67 10.74
C VAL D 332 -47.95 20.82 12.15
N TRP D 333 -48.83 20.87 13.14
CA TRP D 333 -48.44 20.73 14.54
C TRP D 333 -49.04 19.45 15.13
N THR D 334 -48.25 18.77 15.95
CA THR D 334 -48.74 17.63 16.71
C THR D 334 -48.35 17.77 18.17
N GLY D 335 -49.03 17.02 19.04
CA GLY D 335 -48.80 17.08 20.48
C GLY D 335 -50.08 16.80 21.23
N TYR D 336 -49.99 16.69 22.54
CA TYR D 336 -51.17 16.46 23.38
C TYR D 336 -51.65 17.79 23.99
N SER D 337 -52.94 17.84 24.29
CA SER D 337 -53.56 19.07 24.81
C SER D 337 -52.83 19.59 26.03
N ASN D 338 -52.59 18.71 27.00
CA ASN D 338 -51.72 19.01 28.14
C ASN D 338 -50.27 18.67 27.77
N ARG D 339 -49.45 19.71 27.64
CA ARG D 339 -48.07 19.57 27.15
C ARG D 339 -47.23 18.61 28.01
N LEU D 340 -47.65 18.42 29.26
CA LEU D 340 -46.96 17.51 30.16
C LEU D 340 -47.12 16.03 29.76
N THR D 341 -47.97 15.78 28.77
CA THR D 341 -48.06 14.47 28.13
C THR D 341 -47.12 14.46 26.91
N PRO D 342 -46.06 13.64 26.96
CA PRO D 342 -45.04 13.66 25.91
C PRO D 342 -45.38 12.82 24.69
N LEU D 343 -44.92 13.26 23.53
CA LEU D 343 -44.95 12.46 22.30
C LEU D 343 -43.82 11.44 22.37
N VAL D 344 -44.09 10.24 21.89
CA VAL D 344 -43.16 9.12 21.98
C VAL D 344 -43.14 8.28 20.73
N GLY D 345 -41.95 7.75 20.41
CA GLY D 345 -41.75 6.77 19.35
C GLY D 345 -42.51 7.03 18.06
N ASN D 346 -43.63 6.33 17.90
CA ASN D 346 -44.47 6.44 16.70
C ASN D 346 -45.24 7.75 16.57
N GLY D 347 -45.66 8.31 17.71
CA GLY D 347 -46.36 9.59 17.75
C GLY D 347 -45.55 10.75 17.17
N LEU D 348 -44.23 10.58 17.15
CA LEU D 348 -43.30 11.60 16.64
C LEU D 348 -43.31 11.70 15.13
N THR D 349 -43.77 10.65 14.46
CA THR D 349 -43.82 10.63 13.00
C THR D 349 -45.16 11.12 12.46
N VAL D 350 -46.12 11.33 13.36
CA VAL D 350 -47.47 11.69 12.92
C VAL D 350 -47.48 12.96 12.06
N ALA D 351 -46.84 14.02 12.53
CA ALA D 351 -46.76 15.31 11.81
C ALA D 351 -46.41 15.16 10.31
N ALA D 352 -45.31 14.47 10.04
CA ALA D 352 -44.84 14.28 8.68
C ALA D 352 -45.81 13.47 7.83
N LYS D 353 -46.31 12.37 8.40
CA LYS D 353 -47.24 11.47 7.70
C LYS D 353 -48.56 12.16 7.34
N VAL D 354 -49.14 12.88 8.32
CA VAL D 354 -50.31 13.72 8.09
C VAL D 354 -50.04 14.59 6.87
N TYR D 355 -48.95 15.35 6.92
CA TYR D 355 -48.54 16.21 5.82
C TYR D 355 -48.44 15.43 4.51
N ARG D 356 -47.68 14.34 4.54
CA ARG D 356 -47.42 13.52 3.35
C ARG D 356 -48.71 13.06 2.70
N SER D 357 -49.62 12.49 3.50
CA SER D 357 -50.86 11.93 2.96
C SER D 357 -51.86 13.02 2.55
N MET D 358 -51.71 14.23 3.08
CA MET D 358 -52.52 15.37 2.65
C MET D 358 -52.00 15.93 1.34
N MET D 359 -50.68 16.10 1.26
CA MET D 359 -50.03 16.60 0.07
C MET D 359 -50.30 15.69 -1.13
N THR D 360 -50.34 14.38 -0.89
CA THR D 360 -50.67 13.39 -1.92
C THR D 360 -52.04 13.64 -2.52
N TYR D 361 -52.99 14.06 -1.68
CA TYR D 361 -54.34 14.38 -2.12
C TYR D 361 -54.38 15.66 -2.93
N LEU D 362 -53.50 16.59 -2.60
CA LEU D 362 -53.48 17.88 -3.27
C LEU D 362 -52.69 17.86 -4.56
N SER D 363 -51.89 16.81 -4.76
CA SER D 363 -50.95 16.76 -5.89
C SER D 363 -51.13 15.64 -6.92
N GLU D 364 -51.68 14.49 -6.51
CA GLU D 364 -51.99 13.43 -7.49
C GLU D 364 -53.13 13.85 -8.40
N GLY D 365 -52.84 13.90 -9.70
CA GLY D 365 -53.78 14.40 -10.69
C GLY D 365 -53.08 15.46 -11.53
N SER D 366 -52.68 16.54 -10.88
CA SER D 366 -51.94 17.61 -11.55
C SER D 366 -50.50 17.18 -11.73
N ASN D 367 -49.87 17.66 -12.80
CA ASN D 367 -48.46 17.42 -13.04
C ASN D 367 -47.66 18.38 -12.18
N PRO D 368 -46.75 17.84 -11.35
CA PRO D 368 -46.00 18.66 -10.39
C PRO D 368 -44.74 19.28 -10.98
N GLU D 369 -44.74 20.60 -11.13
CA GLU D 369 -43.59 21.33 -11.67
C GLU D 369 -42.54 21.61 -10.61
N ASP D 370 -41.29 21.77 -11.06
CA ASP D 370 -40.16 22.07 -10.17
C ASP D 370 -39.85 23.57 -10.21
N TRP D 371 -38.95 24.01 -9.33
CA TRP D 371 -38.44 25.39 -9.36
C TRP D 371 -37.32 25.52 -10.37
N ASN D 372 -37.32 26.65 -11.09
CA ASN D 372 -36.24 26.98 -12.00
C ASN D 372 -35.23 27.88 -11.31
N ILE D 373 -33.96 27.48 -11.39
CA ILE D 373 -32.87 28.27 -10.83
C ILE D 373 -32.82 29.64 -11.51
N PRO D 374 -33.06 30.72 -10.74
CA PRO D 374 -33.20 32.07 -11.29
C PRO D 374 -31.89 32.69 -11.78
N GLU D 375 -31.97 33.91 -12.31
CA GLU D 375 -30.79 34.66 -12.74
C GLU D 375 -29.92 35.00 -11.54
N GLY D 376 -28.61 34.86 -11.71
CA GLY D 376 -27.64 35.24 -10.66
C GLY D 376 -27.23 34.10 -9.74
N LEU D 377 -27.55 32.87 -10.12
CA LEU D 377 -27.18 31.69 -9.36
C LEU D 377 -26.73 30.58 -10.28
N TYR D 378 -25.72 29.82 -9.86
CA TYR D 378 -25.27 28.68 -10.64
C TYR D 378 -25.11 27.41 -9.81
N ARG D 379 -25.31 26.27 -10.47
CA ARG D 379 -25.23 24.97 -9.83
C ARG D 379 -23.78 24.49 -9.77
N ASN D 380 -23.51 23.59 -8.83
CA ASN D 380 -22.21 22.92 -8.71
C ASN D 380 -22.37 21.61 -7.94
N GLY D 381 -22.89 20.60 -8.62
CA GLY D 381 -23.15 19.30 -7.99
C GLY D 381 -24.36 19.38 -7.09
N GLU D 382 -24.15 19.12 -5.81
CA GLU D 382 -25.22 19.15 -4.81
C GLU D 382 -25.51 20.56 -4.28
N PHE D 383 -24.74 21.56 -4.74
CA PHE D 383 -24.81 22.90 -4.15
C PHE D 383 -25.00 24.03 -5.16
N VAL D 384 -25.62 25.12 -4.69
CA VAL D 384 -25.87 26.32 -5.49
C VAL D 384 -24.89 27.40 -5.05
N PHE D 385 -24.55 28.33 -5.95
CA PHE D 385 -23.65 29.44 -5.63
C PHE D 385 -24.19 30.76 -6.20
N LYS D 386 -23.75 31.89 -5.62
CA LYS D 386 -24.12 33.22 -6.12
C LYS D 386 -23.23 33.69 -7.27
N ASN D 387 -23.81 34.47 -8.19
CA ASN D 387 -23.05 35.04 -9.30
C ASN D 387 -22.36 36.35 -8.92
#